data_9PFO
#
_entry.id   9PFO
#
_cell.length_a   79.019
_cell.length_b   95.802
_cell.length_c   85.637
_cell.angle_alpha   90.00
_cell.angle_beta   101.24
_cell.angle_gamma   90.00
#
_symmetry.space_group_name_H-M   'P 1 21 1'
#
loop_
_entity.id
_entity.type
_entity.pdbx_description
1 polymer 'POU domain, class 2, transcription factor 3'
2 polymer 'POU class 2 homeobox associating factor 3'
3 polymer 'DNA containing POU domain recognition element octamer (sense strand)'
4 polymer 'DNA containing POU domain recognition element octamer (antisense strand)'
5 water water
#
loop_
_entity_poly.entity_id
_entity_poly.type
_entity_poly.pdbx_seq_one_letter_code
_entity_poly.pdbx_strand_id
1 'polypeptide(L)'
;GDEPSDLEELEKFAKTFKQRRIKLGFTQGDVGLAMGKLYGNDFSQTTISRFEALNLSFKNMCKLKPLLEKWLNDAESSPS
DPSVSTPSSYPSLSEVFGRKRKKRTSIETNIRLTLEKRFQDNPKPSSEEISMIAEQLSMEKEVVRVWFCNRRQKEKRINC
;
A,E,I,M
2 'polypeptide(L)' GMSEKPKVYQGVRVKITVKELLQQRRAHQAASGGTRSGG B,F,J,N
3 'polydeoxyribonucleotide' (DT)(DG)(DT)(DA)(DT)(DG)(DC)(DA)(DA)(DA)(DT)(DA)(DA)(DG)(DG) C,G,K,O
4 'polydeoxyribonucleotide' (DA)(DC)(DC)(DT)(DT)(DA)(DT)(DT)(DT)(DG)(DC)(DA)(DT)(DA)(DC) D,H,L,P
#
loop_
_chem_comp.id
_chem_comp.type
_chem_comp.name
_chem_comp.formula
DA DNA linking 2'-DEOXYADENOSINE-5'-MONOPHOSPHATE 'C10 H14 N5 O6 P'
DC DNA linking 2'-DEOXYCYTIDINE-5'-MONOPHOSPHATE 'C9 H14 N3 O7 P'
DG DNA linking 2'-DEOXYGUANOSINE-5'-MONOPHOSPHATE 'C10 H14 N5 O7 P'
DT DNA linking THYMIDINE-5'-MONOPHOSPHATE 'C10 H15 N2 O8 P'
#
# COMPACT_ATOMS: atom_id res chain seq x y z
N GLY A 1 14.66 15.97 25.67
CA GLY A 1 15.27 14.74 25.18
C GLY A 1 15.29 14.67 23.67
N ASP A 2 16.14 15.51 23.07
CA ASP A 2 16.23 15.63 21.62
C ASP A 2 17.22 14.61 21.08
N GLU A 3 16.92 14.07 19.89
CA GLU A 3 17.77 13.07 19.26
C GLU A 3 18.35 13.62 17.96
N PRO A 4 19.65 13.94 17.91
CA PRO A 4 20.26 14.36 16.63
C PRO A 4 20.09 13.33 15.51
N SER A 5 20.10 12.03 15.82
CA SER A 5 20.05 11.05 14.74
C SER A 5 18.72 11.11 14.00
N ASP A 6 17.63 11.42 14.70
CA ASP A 6 16.33 11.52 14.03
C ASP A 6 16.31 12.63 12.97
N LEU A 7 16.92 13.78 13.27
CA LEU A 7 17.00 14.86 12.29
C LEU A 7 17.76 14.41 11.04
N GLU A 8 18.84 13.66 11.24
CA GLU A 8 19.59 13.16 10.09
C GLU A 8 18.73 12.21 9.25
N GLU A 9 18.01 11.30 9.91
CA GLU A 9 17.14 10.37 9.20
C GLU A 9 16.14 11.12 8.33
N LEU A 10 15.58 12.22 8.85
CA LEU A 10 14.64 13.02 8.08
C LEU A 10 15.33 13.77 6.94
N GLU A 11 16.49 14.37 7.22
CA GLU A 11 17.20 15.06 6.14
C GLU A 11 17.49 14.10 5.00
N LYS A 12 18.06 12.94 5.32
CA LYS A 12 18.39 11.96 4.30
C LYS A 12 17.16 11.54 3.50
N PHE A 13 16.11 11.11 4.22
CA PHE A 13 14.90 10.65 3.54
C PHE A 13 14.28 11.75 2.68
N ALA A 14 14.30 13.01 3.15
CA ALA A 14 13.77 14.10 2.33
C ALA A 14 14.51 14.16 0.99
N LYS A 15 15.84 14.10 1.04
CA LYS A 15 16.65 14.23 -0.17
C LYS A 15 16.41 13.05 -1.10
N THR A 16 16.36 11.83 -0.56
CA THR A 16 16.19 10.64 -1.39
C THR A 16 14.77 10.51 -1.90
N PHE A 17 13.78 10.96 -1.12
CA PHE A 17 12.40 10.94 -1.60
C PHE A 17 12.22 11.84 -2.81
N LYS A 18 12.74 13.07 -2.74
CA LYS A 18 12.69 13.96 -3.90
C LYS A 18 13.38 13.31 -5.10
N GLN A 19 14.61 12.83 -4.90
CA GLN A 19 15.33 12.14 -5.97
C GLN A 19 14.46 11.10 -6.64
N ARG A 20 13.90 10.20 -5.83
CA ARG A 20 13.16 9.05 -6.33
C ARG A 20 11.78 9.43 -6.85
N ARG A 21 11.13 10.42 -6.26
CA ARG A 21 9.91 10.95 -6.85
C ARG A 21 10.15 11.39 -8.29
N ILE A 22 11.21 12.18 -8.51
CA ILE A 22 11.50 12.73 -9.82
C ILE A 22 11.81 11.61 -10.82
N LYS A 23 12.63 10.65 -10.41
CA LYS A 23 12.99 9.54 -11.27
C LYS A 23 11.78 8.70 -11.66
N LEU A 24 10.73 8.69 -10.84
CA LEU A 24 9.49 7.98 -11.17
C LEU A 24 8.53 8.81 -12.01
N GLY A 25 8.84 10.09 -12.27
CA GLY A 25 8.00 10.94 -13.09
C GLY A 25 6.84 11.59 -12.38
N PHE A 26 6.91 11.75 -11.05
CA PHE A 26 5.81 12.29 -10.26
C PHE A 26 6.11 13.73 -9.85
N THR A 27 5.18 14.63 -10.12
CA THR A 27 5.27 15.95 -9.52
C THR A 27 4.85 15.87 -8.05
N GLN A 28 5.10 16.96 -7.32
CA GLN A 28 4.64 17.01 -5.94
C GLN A 28 3.12 16.83 -5.87
N GLY A 29 2.40 17.49 -6.78
CA GLY A 29 0.95 17.33 -6.83
C GLY A 29 0.53 15.91 -7.14
N ASP A 30 1.33 15.19 -7.93
CA ASP A 30 0.98 13.83 -8.28
C ASP A 30 1.07 12.92 -7.07
N VAL A 31 2.16 13.05 -6.31
CA VAL A 31 2.30 12.28 -5.07
C VAL A 31 1.07 12.47 -4.19
N GLY A 32 0.61 13.72 -4.05
CA GLY A 32 -0.48 14.01 -3.14
C GLY A 32 -1.79 13.38 -3.54
N LEU A 33 -2.03 13.24 -4.85
CA LEU A 33 -3.24 12.56 -5.29
C LEU A 33 -3.11 11.05 -5.16
N ALA A 34 -1.94 10.52 -5.53
CA ALA A 34 -1.72 9.09 -5.40
C ALA A 34 -1.97 8.61 -3.97
N MET A 35 -1.59 9.42 -2.98
CA MET A 35 -1.78 8.98 -1.61
C MET A 35 -3.24 9.02 -1.19
N GLY A 36 -4.03 9.93 -1.76
CA GLY A 36 -5.46 9.93 -1.52
C GLY A 36 -6.16 8.74 -2.15
N LYS A 37 -6.08 8.63 -3.47
CA LYS A 37 -6.77 7.54 -4.15
C LYS A 37 -6.36 6.18 -3.59
N LEU A 38 -5.07 5.99 -3.33
CA LEU A 38 -4.55 4.67 -2.99
C LEU A 38 -4.75 4.35 -1.51
N TYR A 39 -4.45 5.29 -0.62
CA TYR A 39 -4.38 5.00 0.80
C TYR A 39 -5.40 5.74 1.65
N GLY A 40 -6.15 6.69 1.08
CA GLY A 40 -7.01 7.54 1.87
C GLY A 40 -6.33 8.73 2.48
N ASN A 41 -4.99 8.79 2.44
CA ASN A 41 -4.24 9.92 3.00
C ASN A 41 -4.09 11.01 1.94
N ASP A 42 -5.19 11.68 1.64
CA ASP A 42 -5.12 12.82 0.74
C ASP A 42 -4.19 13.88 1.32
N PHE A 43 -3.34 14.44 0.46
CA PHE A 43 -2.42 15.49 0.88
C PHE A 43 -2.20 16.43 -0.31
N SER A 44 -2.00 17.71 0.01
CA SER A 44 -1.85 18.74 -1.00
C SER A 44 -0.42 18.81 -1.54
N GLN A 45 -0.26 19.51 -2.67
CA GLN A 45 1.08 19.76 -3.19
C GLN A 45 1.88 20.59 -2.19
N THR A 46 1.22 21.58 -1.59
CA THR A 46 1.85 22.39 -0.55
C THR A 46 2.52 21.53 0.51
N THR A 47 1.85 20.48 0.97
CA THR A 47 2.37 19.71 2.09
C THR A 47 3.57 18.88 1.67
N ILE A 48 3.52 18.32 0.45
CA ILE A 48 4.67 17.60 -0.09
C ILE A 48 5.85 18.55 -0.24
N SER A 49 5.58 19.76 -0.74
CA SER A 49 6.66 20.74 -0.87
C SER A 49 7.31 21.00 0.48
N ARG A 50 6.50 21.31 1.50
CA ARG A 50 7.04 21.59 2.81
C ARG A 50 7.86 20.41 3.32
N PHE A 51 7.36 19.19 3.09
CA PHE A 51 8.06 18.03 3.61
C PHE A 51 9.43 17.89 2.97
N GLU A 52 9.50 18.06 1.64
CA GLU A 52 10.75 17.90 0.92
C GLU A 52 11.75 18.99 1.28
N ALA A 53 11.27 20.19 1.59
CA ALA A 53 12.14 21.29 2.00
C ALA A 53 12.36 21.34 3.51
N LEU A 54 11.84 20.36 4.25
CA LEU A 54 12.05 20.27 5.70
C LEU A 54 11.40 21.46 6.43
N ASN A 55 10.42 22.09 5.80
CA ASN A 55 9.75 23.23 6.40
C ASN A 55 8.46 22.81 7.10
N LEU A 56 8.49 21.68 7.79
CA LEU A 56 7.45 21.30 8.74
C LEU A 56 8.08 21.10 10.11
N SER A 57 7.25 20.98 11.14
CA SER A 57 7.83 20.73 12.44
C SER A 57 8.42 19.32 12.48
N PHE A 58 9.20 19.06 13.52
CA PHE A 58 9.77 17.73 13.68
C PHE A 58 8.67 16.69 13.90
N LYS A 59 7.66 17.03 14.70
CA LYS A 59 6.57 16.09 14.97
C LYS A 59 5.75 15.81 13.71
N ASN A 60 5.35 16.87 12.99
CA ASN A 60 4.61 16.69 11.75
C ASN A 60 5.41 15.91 10.70
N MET A 61 6.70 16.24 10.56
CA MET A 61 7.53 15.50 9.60
C MET A 61 7.62 14.02 9.97
N CYS A 62 7.84 13.73 11.26
CA CYS A 62 7.93 12.34 11.68
C CYS A 62 6.65 11.56 11.38
N LYS A 63 5.50 12.22 11.49
CA LYS A 63 4.23 11.53 11.30
C LYS A 63 3.95 11.29 9.82
N LEU A 64 4.49 12.14 8.94
CA LEU A 64 4.25 12.00 7.51
C LEU A 64 5.21 11.01 6.86
N LYS A 65 6.44 10.91 7.34
CA LYS A 65 7.45 10.13 6.65
C LYS A 65 7.03 8.70 6.38
N PRO A 66 6.50 7.95 7.34
CA PRO A 66 6.06 6.58 7.02
C PRO A 66 4.95 6.55 5.99
N LEU A 67 4.06 7.54 6.01
CA LEU A 67 3.02 7.59 4.98
C LEU A 67 3.60 7.89 3.61
N LEU A 68 4.66 8.70 3.56
CA LEU A 68 5.33 8.95 2.30
C LEU A 68 6.15 7.74 1.85
N GLU A 69 6.88 7.11 2.77
CA GLU A 69 7.75 6.01 2.39
C GLU A 69 6.96 4.84 1.86
N LYS A 70 5.83 4.53 2.51
CA LYS A 70 4.92 3.50 2.01
C LYS A 70 4.51 3.78 0.57
N TRP A 71 4.09 5.02 0.27
CA TRP A 71 3.73 5.34 -1.10
C TRP A 71 4.90 5.12 -2.05
N LEU A 72 6.09 5.57 -1.66
CA LEU A 72 7.24 5.49 -2.56
C LEU A 72 7.63 4.03 -2.82
N ASN A 73 7.65 3.19 -1.77
CA ASN A 73 8.09 1.82 -1.96
C ASN A 73 7.15 1.05 -2.88
N ASP A 74 5.86 1.34 -2.79
CA ASP A 74 4.89 0.69 -3.67
C ASP A 74 5.08 1.16 -5.11
N ALA A 75 5.21 2.48 -5.29
CA ALA A 75 5.35 3.04 -6.63
C ALA A 75 6.61 2.54 -7.33
N GLU A 76 7.66 2.26 -6.57
CA GLU A 76 8.89 1.70 -7.13
C GLU A 76 8.84 0.19 -7.24
N SER A 77 7.95 -0.47 -6.50
CA SER A 77 7.84 -1.92 -6.49
C SER A 77 6.63 -2.29 -7.32
N SER A 78 6.85 -2.52 -8.61
CA SER A 78 5.81 -3.03 -9.48
C SER A 78 6.27 -4.29 -10.20
N PRO A 79 6.95 -5.25 -9.51
CA PRO A 79 7.27 -6.54 -10.16
C PRO A 79 6.21 -7.61 -9.85
N SER A 80 4.97 -7.34 -10.27
CA SER A 80 3.82 -8.18 -9.91
C SER A 80 3.55 -8.14 -8.41
N ASP A 81 3.97 -7.06 -7.75
CA ASP A 81 3.77 -6.90 -6.31
C ASP A 81 2.29 -6.96 -5.97
N ARG A 99 -13.02 10.56 9.06
CA ARG A 99 -12.14 9.81 8.16
C ARG A 99 -11.23 10.73 7.37
N LYS A 100 -11.79 11.79 6.79
CA LYS A 100 -11.03 12.69 5.94
C LYS A 100 -11.28 14.12 6.34
N ARG A 101 -10.24 14.94 6.21
CA ARG A 101 -10.30 16.35 6.53
C ARG A 101 -11.37 17.05 5.70
N LYS A 102 -12.10 17.95 6.34
CA LYS A 102 -12.98 18.86 5.61
C LYS A 102 -12.18 19.65 4.57
N LYS A 103 -12.73 19.75 3.37
CA LYS A 103 -12.18 20.63 2.35
C LYS A 103 -12.09 22.06 2.90
N ARG A 104 -11.04 22.77 2.48
CA ARG A 104 -10.80 24.12 2.99
C ARG A 104 -11.81 25.09 2.38
N THR A 105 -12.74 25.58 3.21
CA THR A 105 -13.85 26.38 2.72
C THR A 105 -13.35 27.73 2.22
N SER A 106 -13.74 28.09 1.00
CA SER A 106 -13.39 29.39 0.43
C SER A 106 -14.34 30.46 0.94
N ILE A 107 -13.79 31.56 1.44
CA ILE A 107 -14.57 32.71 1.92
C ILE A 107 -14.28 33.88 1.00
N GLU A 108 -15.26 34.24 0.17
CA GLU A 108 -15.04 35.28 -0.83
C GLU A 108 -14.95 36.66 -0.17
N THR A 109 -14.29 37.57 -0.87
CA THR A 109 -13.99 38.88 -0.31
C THR A 109 -15.25 39.60 0.18
N ASN A 110 -16.36 39.46 -0.54
CA ASN A 110 -17.60 40.09 -0.08
C ASN A 110 -18.01 39.55 1.28
N ILE A 111 -17.96 38.22 1.45
CA ILE A 111 -18.33 37.65 2.74
C ILE A 111 -17.35 38.06 3.82
N ARG A 112 -16.05 37.99 3.52
CA ARG A 112 -15.04 38.40 4.50
C ARG A 112 -15.28 39.82 4.99
N LEU A 113 -15.68 40.71 4.08
CA LEU A 113 -15.84 42.11 4.47
C LEU A 113 -17.04 42.29 5.40
N THR A 114 -18.11 41.53 5.16
CA THR A 114 -19.25 41.54 6.06
C THR A 114 -18.88 40.99 7.43
N LEU A 115 -18.16 39.85 7.47
CA LEU A 115 -17.72 39.31 8.74
C LEU A 115 -16.79 40.27 9.47
N GLU A 116 -15.85 40.87 8.74
CA GLU A 116 -14.95 41.86 9.34
C GLU A 116 -15.75 42.98 9.99
N LYS A 117 -16.75 43.50 9.27
CA LYS A 117 -17.61 44.53 9.84
C LYS A 117 -18.31 44.02 11.11
N ARG A 118 -18.82 42.80 11.10
CA ARG A 118 -19.40 42.25 12.33
C ARG A 118 -18.34 42.18 13.43
N PHE A 119 -17.11 41.80 13.07
CA PHE A 119 -16.06 41.67 14.06
C PHE A 119 -15.73 43.02 14.70
N GLN A 120 -15.65 44.08 13.89
CA GLN A 120 -15.40 45.40 14.45
C GLN A 120 -16.57 45.88 15.31
N ASP A 121 -17.80 45.52 14.93
CA ASP A 121 -18.96 45.80 15.78
C ASP A 121 -18.84 45.12 17.13
N ASN A 122 -18.59 43.81 17.10
CA ASN A 122 -18.47 43.01 18.31
C ASN A 122 -17.59 41.79 17.99
N PRO A 123 -16.38 41.71 18.53
CA PRO A 123 -15.49 40.61 18.14
C PRO A 123 -15.84 39.26 18.76
N LYS A 124 -16.85 39.19 19.62
CA LYS A 124 -17.27 37.93 20.25
C LYS A 124 -18.79 37.82 20.22
N PRO A 125 -19.37 37.56 19.05
CA PRO A 125 -20.80 37.30 18.97
C PRO A 125 -21.18 36.06 19.77
N SER A 126 -22.33 36.14 20.45
CA SER A 126 -22.85 34.99 21.16
C SER A 126 -23.16 33.86 20.17
N SER A 127 -23.53 32.70 20.73
CA SER A 127 -23.94 31.58 19.89
C SER A 127 -25.19 31.92 19.10
N GLU A 128 -26.16 32.60 19.73
CA GLU A 128 -27.34 33.02 18.97
C GLU A 128 -26.95 33.97 17.85
N GLU A 129 -26.04 34.90 18.14
CA GLU A 129 -25.61 35.85 17.12
C GLU A 129 -24.85 35.17 15.99
N ILE A 130 -23.99 34.19 16.30
CA ILE A 130 -23.35 33.40 15.24
C ILE A 130 -24.39 32.74 14.35
N SER A 131 -25.46 32.22 14.96
CA SER A 131 -26.53 31.59 14.18
C SER A 131 -27.16 32.59 13.21
N MET A 132 -27.54 33.77 13.71
CA MET A 132 -28.10 34.79 12.82
C MET A 132 -27.17 35.04 11.64
N ILE A 133 -25.87 35.22 11.92
CA ILE A 133 -24.90 35.54 10.88
C ILE A 133 -24.85 34.43 9.84
N ALA A 134 -24.75 33.18 10.29
CA ALA A 134 -24.67 32.06 9.37
C ALA A 134 -25.90 31.99 8.50
N GLU A 135 -27.07 32.25 9.07
CA GLU A 135 -28.30 32.30 8.28
C GLU A 135 -28.27 33.45 7.29
N GLN A 136 -27.96 34.66 7.79
CA GLN A 136 -27.87 35.82 6.91
C GLN A 136 -27.00 35.54 5.68
N LEU A 137 -25.85 34.89 5.88
CA LEU A 137 -24.85 34.70 4.84
C LEU A 137 -24.90 33.30 4.22
N SER A 138 -25.93 32.52 4.53
CA SER A 138 -26.10 31.17 3.96
C SER A 138 -24.86 30.30 4.20
N MET A 139 -24.31 30.37 5.41
CA MET A 139 -23.14 29.60 5.79
C MET A 139 -23.50 28.64 6.92
N GLU A 140 -22.60 27.69 7.18
CA GLU A 140 -22.78 26.77 8.29
C GLU A 140 -22.36 27.43 9.60
N LYS A 141 -23.15 27.19 10.66
CA LYS A 141 -22.87 27.85 11.93
C LYS A 141 -21.43 27.63 12.36
N GLU A 142 -20.90 26.43 12.11
CA GLU A 142 -19.59 26.08 12.62
C GLU A 142 -18.49 26.87 11.92
N VAL A 143 -18.64 27.10 10.62
CA VAL A 143 -17.66 27.89 9.87
C VAL A 143 -17.64 29.32 10.39
N VAL A 144 -18.80 29.92 10.60
CA VAL A 144 -18.82 31.27 11.17
C VAL A 144 -18.24 31.28 12.57
N ARG A 145 -18.54 30.25 13.37
CA ARG A 145 -17.98 30.19 14.71
C ARG A 145 -16.47 30.21 14.66
N VAL A 146 -15.89 29.38 13.79
CA VAL A 146 -14.43 29.26 13.73
C VAL A 146 -13.83 30.51 13.13
N TRP A 147 -14.49 31.12 12.14
CA TRP A 147 -14.00 32.38 11.57
C TRP A 147 -13.76 33.40 12.67
N PHE A 148 -14.72 33.56 13.59
CA PHE A 148 -14.53 34.52 14.67
C PHE A 148 -13.42 34.09 15.62
N CYS A 149 -13.29 32.78 15.89
CA CYS A 149 -12.18 32.32 16.71
C CYS A 149 -10.84 32.67 16.07
N ASN A 150 -10.70 32.38 14.77
CA ASN A 150 -9.44 32.64 14.09
C ASN A 150 -9.19 34.14 13.97
N ARG A 151 -10.26 34.91 13.76
CA ARG A 151 -10.08 36.36 13.65
C ARG A 151 -9.66 36.97 14.99
N ARG A 152 -10.23 36.50 16.10
CA ARG A 152 -9.73 36.93 17.41
C ARG A 152 -8.27 36.54 17.60
N GLN A 153 -7.88 35.34 17.14
CA GLN A 153 -6.48 34.95 17.26
C GLN A 153 -5.60 35.85 16.40
N LYS A 154 -6.06 36.19 15.21
CA LYS A 154 -5.27 37.05 14.34
C LYS A 154 -5.05 38.41 14.97
N GLU A 155 -6.10 38.94 15.61
CA GLU A 155 -5.99 40.22 16.30
C GLU A 155 -4.92 40.17 17.38
N LYS A 156 -4.81 39.06 18.12
CA LYS A 156 -3.71 38.93 19.07
C LYS A 156 -2.36 38.79 18.37
N ARG A 157 -2.31 38.08 17.23
CA ARG A 157 -1.06 37.83 16.54
C ARG A 157 -0.46 39.13 15.99
N ILE A 158 -1.30 39.97 15.38
CA ILE A 158 -0.77 41.14 14.71
C ILE A 158 -0.56 42.33 15.66
N ASN A 159 -1.14 42.29 16.86
CA ASN A 159 -0.93 43.34 17.85
C ASN A 159 -0.15 42.84 19.05
N CYS A 160 0.62 41.77 18.87
CA CYS A 160 1.37 41.13 19.95
C CYS A 160 2.08 42.14 20.85
N PRO B 6 5.19 49.20 8.49
CA PRO B 6 5.59 47.87 8.97
C PRO B 6 4.74 46.73 8.42
N LYS B 7 5.37 45.83 7.66
CA LYS B 7 4.69 44.67 7.10
C LYS B 7 4.72 43.57 8.16
N VAL B 8 3.59 43.32 8.79
CA VAL B 8 3.46 42.26 9.77
C VAL B 8 2.91 41.03 9.07
N TYR B 9 3.45 39.87 9.43
CA TYR B 9 2.92 38.61 8.94
C TYR B 9 1.50 38.40 9.50
N GLN B 10 0.54 38.19 8.61
CA GLN B 10 -0.87 38.15 8.99
C GLN B 10 -1.29 36.77 9.49
N GLY B 11 -0.64 35.71 9.01
CA GLY B 11 -1.12 34.37 9.21
C GLY B 11 -0.24 33.59 10.17
N VAL B 12 -0.62 32.34 10.36
CA VAL B 12 0.07 31.41 11.26
C VAL B 12 1.27 30.82 10.54
N ARG B 13 2.35 30.59 11.27
CA ARG B 13 3.54 29.99 10.69
C ARG B 13 3.99 28.80 11.52
N VAL B 14 4.61 27.84 10.84
CA VAL B 14 5.36 26.82 11.55
C VAL B 14 6.48 27.52 12.31
N LYS B 15 6.46 27.40 13.63
CA LYS B 15 7.39 28.18 14.45
C LYS B 15 8.81 27.65 14.37
N ILE B 16 8.98 26.34 14.37
CA ILE B 16 10.31 25.74 14.35
C ILE B 16 10.27 24.60 13.36
N THR B 17 11.06 24.72 12.29
CA THR B 17 11.12 23.73 11.22
C THR B 17 12.28 22.77 11.42
N VAL B 18 12.21 21.66 10.69
CA VAL B 18 13.31 20.72 10.65
C VAL B 18 14.53 21.37 10.01
N LYS B 19 14.30 22.15 8.95
CA LYS B 19 15.38 22.90 8.33
C LYS B 19 16.16 23.72 9.37
N GLU B 20 15.45 24.50 10.19
CA GLU B 20 16.13 25.30 11.22
C GLU B 20 16.81 24.40 12.25
N LEU B 21 16.16 23.31 12.65
CA LEU B 21 16.77 22.41 13.63
C LEU B 21 18.06 21.81 13.08
N LEU B 22 18.09 21.53 11.78
CA LEU B 22 19.31 20.98 11.17
C LEU B 22 20.41 22.02 11.11
N GLN B 23 20.07 23.27 10.75
CA GLN B 23 21.04 24.37 10.83
C GLN B 23 21.56 24.53 12.24
N GLN B 24 20.68 24.37 13.23
CA GLN B 24 21.03 24.58 14.63
C GLN B 24 21.89 23.44 15.17
N ARG B 25 21.64 22.21 14.72
CA ARG B 25 22.56 21.13 15.10
C ARG B 25 23.94 21.41 14.51
N ARG B 26 23.97 21.90 13.27
CA ARG B 26 25.23 22.22 12.56
C ARG B 26 25.91 23.42 13.23
N ALA B 27 25.16 24.31 13.88
CA ALA B 27 25.78 25.37 14.66
C ALA B 27 26.40 24.84 15.94
N HIS B 28 25.77 23.84 16.56
CA HIS B 28 26.26 23.32 17.84
C HIS B 28 27.41 22.33 17.66
N GLN B 29 27.39 21.52 16.59
CA GLN B 29 28.50 20.61 16.34
C GLN B 29 29.78 21.37 16.03
N ALA B 30 29.72 22.34 15.11
CA ALA B 30 30.92 23.07 14.74
C ALA B 30 31.51 23.84 15.92
N ALA B 31 30.67 24.23 16.88
CA ALA B 31 31.10 24.88 18.12
C ALA B 31 32.48 24.40 18.58
N SER E 5 12.50 -27.62 19.29
CA SER E 5 11.39 -27.50 20.22
C SER E 5 10.34 -26.55 19.66
N ASP E 6 10.49 -26.16 18.39
CA ASP E 6 9.49 -25.29 17.80
C ASP E 6 8.13 -25.98 17.69
N LEU E 7 8.11 -27.32 17.66
CA LEU E 7 6.83 -28.02 17.66
C LEU E 7 6.00 -27.65 18.89
N GLU E 8 6.63 -27.61 20.07
CA GLU E 8 5.90 -27.24 21.27
C GLU E 8 5.54 -25.76 21.28
N GLU E 9 6.44 -24.91 20.75
CA GLU E 9 6.13 -23.50 20.62
C GLU E 9 4.92 -23.27 19.73
N LEU E 10 4.81 -24.04 18.63
CA LEU E 10 3.66 -23.92 17.75
C LEU E 10 2.39 -24.43 18.41
N GLU E 11 2.46 -25.57 19.10
CA GLU E 11 1.32 -26.02 19.88
C GLU E 11 0.89 -24.96 20.89
N LYS E 12 1.87 -24.32 21.55
CA LYS E 12 1.55 -23.34 22.57
C LYS E 12 0.90 -22.10 21.95
N PHE E 13 1.46 -21.61 20.83
CA PHE E 13 0.88 -20.43 20.20
C PHE E 13 -0.53 -20.71 19.70
N ALA E 14 -0.75 -21.87 19.09
CA ALA E 14 -2.08 -22.18 18.58
C ALA E 14 -3.09 -22.21 19.72
N LYS E 15 -2.71 -22.80 20.86
CA LYS E 15 -3.58 -22.82 22.02
C LYS E 15 -3.96 -21.41 22.46
N THR E 16 -2.97 -20.52 22.56
CA THR E 16 -3.23 -19.17 23.07
C THR E 16 -3.93 -18.31 22.03
N PHE E 17 -3.55 -18.45 20.75
CA PHE E 17 -4.27 -17.76 19.68
C PHE E 17 -5.76 -18.08 19.73
N LYS E 18 -6.10 -19.35 19.93
CA LYS E 18 -7.50 -19.74 20.04
C LYS E 18 -8.16 -19.04 21.23
N GLN E 19 -7.51 -19.07 22.41
CA GLN E 19 -8.02 -18.35 23.57
C GLN E 19 -8.32 -16.88 23.24
N ARG E 20 -7.33 -16.16 22.71
CA ARG E 20 -7.52 -14.72 22.52
C ARG E 20 -8.52 -14.43 21.42
N ARG E 21 -8.55 -15.26 20.38
CA ARG E 21 -9.55 -15.08 19.32
C ARG E 21 -10.96 -15.11 19.92
N ILE E 22 -11.27 -16.15 20.67
CA ILE E 22 -12.62 -16.28 21.23
C ILE E 22 -12.90 -15.12 22.19
N LYS E 23 -11.95 -14.87 23.08
CA LYS E 23 -12.07 -13.76 24.02
C LYS E 23 -12.50 -12.47 23.32
N LEU E 24 -12.03 -12.26 22.09
CA LEU E 24 -12.39 -11.08 21.31
C LEU E 24 -13.74 -11.19 20.63
N GLY E 25 -14.41 -12.35 20.71
CA GLY E 25 -15.67 -12.55 20.04
C GLY E 25 -15.59 -12.93 18.57
N PHE E 26 -14.43 -13.42 18.11
CA PHE E 26 -14.21 -13.72 16.70
C PHE E 26 -14.49 -15.19 16.41
N THR E 27 -15.22 -15.45 15.33
CA THR E 27 -15.25 -16.79 14.76
C THR E 27 -13.97 -17.05 13.96
N GLN E 28 -13.71 -18.33 13.68
CA GLN E 28 -12.62 -18.65 12.76
C GLN E 28 -12.81 -17.88 11.45
N GLY E 29 -14.06 -17.81 10.95
CA GLY E 29 -14.33 -17.08 9.73
C GLY E 29 -14.06 -15.59 9.83
N ASP E 30 -14.38 -14.99 10.98
CA ASP E 30 -14.10 -13.56 11.18
C ASP E 30 -12.60 -13.27 11.07
N VAL E 31 -11.76 -14.20 11.52
CA VAL E 31 -10.31 -13.97 11.47
C VAL E 31 -9.81 -13.95 10.04
N GLY E 32 -10.27 -14.89 9.21
CA GLY E 32 -9.88 -14.88 7.82
C GLY E 32 -10.23 -13.58 7.12
N LEU E 33 -11.46 -13.10 7.33
CA LEU E 33 -11.89 -11.88 6.65
C LEU E 33 -11.13 -10.66 7.18
N ALA E 34 -11.03 -10.52 8.51
CA ALA E 34 -10.34 -9.36 9.07
C ALA E 34 -8.89 -9.31 8.61
N MET E 35 -8.26 -10.47 8.42
CA MET E 35 -6.90 -10.49 7.91
C MET E 35 -6.83 -10.10 6.43
N GLY E 36 -7.86 -10.42 5.65
CA GLY E 36 -7.87 -9.98 4.27
C GLY E 36 -7.95 -8.48 4.15
N LYS E 37 -8.76 -7.85 4.99
CA LYS E 37 -8.93 -6.37 4.99
C LYS E 37 -7.66 -5.71 5.53
N LEU E 38 -6.78 -6.44 6.20
CA LEU E 38 -5.56 -5.88 6.83
C LEU E 38 -4.37 -6.04 5.90
N TYR E 39 -3.99 -7.27 5.56
CA TYR E 39 -2.84 -7.61 4.71
C TYR E 39 -3.23 -7.69 3.23
N GLY E 40 -4.50 -7.50 2.89
CA GLY E 40 -4.95 -7.59 1.52
C GLY E 40 -5.07 -8.99 0.95
N ASN E 41 -4.57 -10.01 1.65
CA ASN E 41 -4.70 -11.40 1.24
C ASN E 41 -5.54 -12.12 2.28
N ASP E 42 -6.68 -12.66 1.87
CA ASP E 42 -7.59 -13.29 2.80
C ASP E 42 -7.18 -14.73 3.09
N PHE E 43 -7.63 -15.24 4.24
CA PHE E 43 -7.55 -16.65 4.55
C PHE E 43 -8.95 -17.18 4.83
N SER E 44 -9.14 -18.47 4.61
CA SER E 44 -10.44 -19.10 4.80
C SER E 44 -10.58 -19.65 6.21
N GLN E 45 -11.83 -19.69 6.68
CA GLN E 45 -12.22 -20.39 7.89
C GLN E 45 -11.53 -21.75 7.98
N THR E 46 -11.49 -22.46 6.84
CA THR E 46 -10.88 -23.78 6.79
C THR E 46 -9.42 -23.73 7.25
N THR E 47 -8.67 -22.73 6.77
CA THR E 47 -7.24 -22.63 7.10
C THR E 47 -7.05 -22.31 8.57
N ILE E 48 -7.87 -21.41 9.12
CA ILE E 48 -7.78 -21.09 10.54
C ILE E 48 -8.00 -22.34 11.38
N SER E 49 -9.01 -23.15 11.02
CA SER E 49 -9.28 -24.39 11.75
C SER E 49 -8.05 -25.30 11.75
N ARG E 50 -7.47 -25.54 10.58
CA ARG E 50 -6.31 -26.43 10.51
C ARG E 50 -5.14 -25.90 11.32
N PHE E 51 -4.93 -24.59 11.32
CA PHE E 51 -3.87 -24.00 12.13
C PHE E 51 -4.11 -24.27 13.62
N GLU E 52 -5.31 -23.97 14.11
CA GLU E 52 -5.59 -24.19 15.52
C GLU E 52 -5.56 -25.66 15.91
N ALA E 53 -5.71 -26.57 14.95
CA ALA E 53 -5.65 -27.98 15.23
C ALA E 53 -4.28 -28.56 14.95
N LEU E 54 -3.32 -27.73 14.52
CA LEU E 54 -1.99 -28.18 14.09
C LEU E 54 -2.07 -29.12 12.90
N ASN E 55 -3.09 -28.96 12.05
CA ASN E 55 -3.34 -29.87 10.96
C ASN E 55 -2.77 -29.37 9.65
N LEU E 56 -1.63 -28.66 9.74
CA LEU E 56 -0.86 -28.16 8.62
C LEU E 56 0.58 -28.63 8.77
N SER E 57 1.35 -28.44 7.71
CA SER E 57 2.77 -28.74 7.74
C SER E 57 3.53 -27.78 8.66
N PHE E 58 4.68 -28.21 9.13
CA PHE E 58 5.55 -27.35 9.99
C PHE E 58 5.86 -26.01 9.29
N LYS E 59 6.25 -26.03 8.01
CA LYS E 59 6.61 -24.79 7.25
C LYS E 59 5.40 -23.87 7.12
N ASN E 60 4.21 -24.44 6.85
CA ASN E 60 2.98 -23.63 6.67
C ASN E 60 2.64 -23.00 8.01
N MET E 61 2.83 -23.74 9.09
CA MET E 61 2.53 -23.27 10.46
C MET E 61 3.48 -22.11 10.77
N CYS E 62 4.76 -22.27 10.50
CA CYS E 62 5.79 -21.23 10.78
C CYS E 62 5.47 -19.97 9.97
N LYS E 63 4.96 -20.10 8.74
CA LYS E 63 4.68 -18.93 7.88
C LYS E 63 3.43 -18.21 8.38
N LEU E 64 2.38 -18.94 8.78
CA LEU E 64 1.11 -18.32 9.21
C LEU E 64 1.24 -17.72 10.62
N LYS E 65 2.00 -18.33 11.52
CA LYS E 65 2.10 -17.88 12.94
C LYS E 65 2.33 -16.37 12.98
N PRO E 66 3.41 -15.81 12.40
CA PRO E 66 3.67 -14.36 12.46
C PRO E 66 2.56 -13.50 11.88
N LEU E 67 1.91 -13.92 10.81
CA LEU E 67 0.79 -13.19 10.23
C LEU E 67 -0.39 -13.17 11.18
N LEU E 68 -0.64 -14.28 11.86
CA LEU E 68 -1.73 -14.32 12.84
C LEU E 68 -1.37 -13.50 14.09
N GLU E 69 -0.10 -13.53 14.48
CA GLU E 69 0.34 -12.71 15.61
C GLU E 69 0.05 -11.23 15.36
N LYS E 70 0.37 -10.76 14.15
CA LYS E 70 0.20 -9.34 13.88
C LYS E 70 -1.27 -8.95 13.85
N TRP E 71 -2.13 -9.82 13.32
CA TRP E 71 -3.56 -9.51 13.34
C TRP E 71 -4.07 -9.47 14.78
N LEU E 72 -3.61 -10.41 15.61
CA LEU E 72 -3.99 -10.39 17.03
C LEU E 72 -3.56 -9.09 17.70
N ASN E 73 -2.30 -8.68 17.53
CA ASN E 73 -1.84 -7.41 18.08
C ASN E 73 -2.75 -6.26 17.66
N ASP E 74 -3.18 -6.25 16.40
CA ASP E 74 -3.99 -5.14 15.90
C ASP E 74 -5.44 -5.24 16.37
N ALA E 75 -5.98 -6.46 16.45
CA ALA E 75 -7.38 -6.63 16.85
C ALA E 75 -7.58 -6.36 18.34
N GLU E 76 -6.57 -6.61 19.16
CA GLU E 76 -6.69 -6.30 20.58
C GLU E 76 -6.59 -4.81 20.88
N SER E 77 -6.47 -3.98 19.84
CA SER E 77 -6.48 -2.53 19.97
C SER E 77 -7.79 -1.93 19.46
N LYS E 100 -3.73 -12.03 -3.03
CA LYS E 100 -4.01 -11.96 -4.45
C LYS E 100 -4.17 -13.34 -5.07
N ARG E 101 -4.35 -14.36 -4.24
CA ARG E 101 -4.62 -15.70 -4.75
C ARG E 101 -5.90 -15.68 -5.57
N LYS E 102 -5.86 -16.37 -6.71
CA LYS E 102 -7.06 -16.60 -7.52
C LYS E 102 -8.11 -17.34 -6.70
N LYS E 103 -9.35 -16.85 -6.76
CA LYS E 103 -10.45 -17.54 -6.10
C LYS E 103 -10.66 -18.93 -6.72
N ARG E 104 -10.97 -19.90 -5.88
CA ARG E 104 -11.21 -21.25 -6.35
C ARG E 104 -12.33 -21.28 -7.39
N THR E 105 -12.04 -21.82 -8.58
CA THR E 105 -13.02 -21.89 -9.66
C THR E 105 -14.03 -23.01 -9.36
N SER E 106 -15.31 -22.69 -9.42
CA SER E 106 -16.37 -23.66 -9.18
C SER E 106 -16.79 -24.27 -10.50
N ILE E 107 -16.59 -25.58 -10.65
CA ILE E 107 -16.89 -26.30 -11.88
C ILE E 107 -18.16 -27.11 -11.64
N GLU E 108 -19.23 -26.76 -12.37
CA GLU E 108 -20.51 -27.45 -12.22
C GLU E 108 -20.36 -28.93 -12.57
N THR E 109 -21.26 -29.75 -12.00
CA THR E 109 -21.24 -31.19 -12.22
C THR E 109 -21.21 -31.55 -13.69
N ASN E 110 -22.08 -30.91 -14.49
CA ASN E 110 -22.19 -31.23 -15.92
C ASN E 110 -20.85 -31.02 -16.63
N ILE E 111 -20.17 -29.91 -16.32
CA ILE E 111 -18.91 -29.61 -17.00
C ILE E 111 -17.82 -30.57 -16.55
N ARG E 112 -17.85 -30.90 -15.27
CA ARG E 112 -16.78 -31.84 -14.79
CA ARG E 112 -16.80 -31.83 -14.73
C ARG E 112 -16.96 -33.20 -15.43
N LEU E 113 -18.20 -33.62 -15.67
CA LEU E 113 -18.43 -34.91 -16.31
C LEU E 113 -17.93 -34.88 -17.75
N THR E 114 -18.14 -33.77 -18.47
CA THR E 114 -17.62 -33.64 -19.83
C THR E 114 -16.09 -33.63 -19.82
N LEU E 115 -15.50 -32.86 -18.89
CA LEU E 115 -14.05 -32.86 -18.74
C LEU E 115 -13.54 -34.26 -18.46
N GLU E 116 -14.24 -35.00 -17.59
CA GLU E 116 -13.83 -36.35 -17.27
C GLU E 116 -13.86 -37.24 -18.51
N LYS E 117 -14.92 -37.09 -19.32
CA LYS E 117 -15.05 -37.85 -20.57
C LYS E 117 -13.92 -37.48 -21.55
N ARG E 118 -13.55 -36.21 -21.65
CA ARG E 118 -12.38 -35.86 -22.46
C ARG E 118 -11.13 -36.53 -21.91
N PHE E 119 -10.97 -36.58 -20.59
CA PHE E 119 -9.80 -37.22 -20.03
C PHE E 119 -9.76 -38.70 -20.35
N GLN E 120 -10.92 -39.36 -20.38
CA GLN E 120 -10.94 -40.77 -20.77
C GLN E 120 -10.43 -40.97 -22.19
N ASP E 121 -10.70 -40.00 -23.07
CA ASP E 121 -10.26 -40.09 -24.47
C ASP E 121 -8.80 -39.69 -24.63
N ASN E 122 -8.41 -38.57 -24.04
CA ASN E 122 -7.05 -38.08 -24.08
C ASN E 122 -6.69 -37.47 -22.73
N PRO E 123 -5.82 -38.11 -21.95
CA PRO E 123 -5.47 -37.56 -20.64
C PRO E 123 -4.44 -36.44 -20.71
N LYS E 124 -3.80 -36.21 -21.86
CA LYS E 124 -2.85 -35.11 -22.00
C LYS E 124 -3.20 -34.36 -23.28
N PRO E 125 -4.29 -33.59 -23.27
CA PRO E 125 -4.59 -32.74 -24.42
C PRO E 125 -3.52 -31.70 -24.64
N SER E 126 -3.32 -31.35 -25.91
CA SER E 126 -2.33 -30.37 -26.30
C SER E 126 -2.82 -28.97 -25.93
N SER E 127 -1.93 -28.00 -26.08
CA SER E 127 -2.33 -26.62 -25.85
C SER E 127 -3.48 -26.22 -26.76
N GLU E 128 -3.43 -26.63 -28.04
CA GLU E 128 -4.55 -26.35 -28.94
C GLU E 128 -5.82 -27.06 -28.48
N GLU E 129 -5.71 -28.32 -28.09
CA GLU E 129 -6.89 -29.06 -27.61
C GLU E 129 -7.43 -28.44 -26.32
N ILE E 130 -6.54 -28.04 -25.42
CA ILE E 130 -6.99 -27.33 -24.21
C ILE E 130 -7.79 -26.08 -24.59
N SER E 131 -7.22 -25.25 -25.45
CA SER E 131 -7.93 -24.06 -25.91
C SER E 131 -9.33 -24.40 -26.43
N MET E 132 -9.44 -25.48 -27.22
CA MET E 132 -10.74 -25.86 -27.77
C MET E 132 -11.72 -26.23 -26.67
N ILE E 133 -11.30 -27.14 -25.78
CA ILE E 133 -12.12 -27.53 -24.64
C ILE E 133 -12.59 -26.30 -23.88
N ALA E 134 -11.69 -25.32 -23.71
CA ALA E 134 -12.01 -24.12 -22.94
C ALA E 134 -13.04 -23.27 -23.66
N GLU E 135 -12.91 -23.12 -24.98
CA GLU E 135 -13.93 -22.37 -25.72
C GLU E 135 -15.26 -23.09 -25.67
N GLN E 136 -15.25 -24.42 -25.83
CA GLN E 136 -16.50 -25.18 -25.80
C GLN E 136 -17.22 -25.00 -24.47
N LEU E 137 -16.50 -25.07 -23.36
CA LEU E 137 -17.08 -25.10 -22.02
C LEU E 137 -17.15 -23.71 -21.35
N SER E 138 -16.80 -22.64 -22.06
CA SER E 138 -16.81 -21.28 -21.50
C SER E 138 -15.94 -21.16 -20.24
N MET E 139 -14.77 -21.79 -20.25
CA MET E 139 -13.83 -21.71 -19.15
C MET E 139 -12.55 -21.01 -19.60
N GLU E 140 -11.75 -20.61 -18.62
CA GLU E 140 -10.44 -20.05 -18.90
C GLU E 140 -9.47 -21.17 -19.27
N LYS E 141 -8.62 -20.90 -20.25
CA LYS E 141 -7.66 -21.89 -20.72
C LYS E 141 -6.80 -22.42 -19.57
N GLU E 142 -6.25 -21.52 -18.76
CA GLU E 142 -5.37 -21.94 -17.67
C GLU E 142 -6.11 -22.83 -16.66
N VAL E 143 -7.40 -22.61 -16.46
CA VAL E 143 -8.17 -23.50 -15.58
C VAL E 143 -8.26 -24.90 -16.18
N VAL E 144 -8.62 -24.98 -17.47
CA VAL E 144 -8.65 -26.28 -18.14
C VAL E 144 -7.26 -26.91 -18.14
N ARG E 145 -6.20 -26.12 -18.43
CA ARG E 145 -4.85 -26.65 -18.39
C ARG E 145 -4.56 -27.34 -17.05
N VAL E 146 -4.84 -26.63 -15.95
CA VAL E 146 -4.56 -27.15 -14.61
C VAL E 146 -5.51 -28.28 -14.24
N TRP E 147 -6.74 -28.25 -14.74
CA TRP E 147 -7.63 -29.36 -14.43
C TRP E 147 -7.02 -30.69 -14.88
N PHE E 148 -6.43 -30.73 -16.08
CA PHE E 148 -5.83 -31.98 -16.57
C PHE E 148 -4.56 -32.34 -15.81
N CYS E 149 -3.76 -31.35 -15.44
CA CYS E 149 -2.59 -31.63 -14.61
C CYS E 149 -3.01 -32.30 -13.31
N ASN E 150 -4.00 -31.73 -12.63
CA ASN E 150 -4.44 -32.31 -11.37
C ASN E 150 -5.11 -33.66 -11.60
N ARG E 151 -5.88 -33.79 -12.68
CA ARG E 151 -6.54 -35.07 -12.97
C ARG E 151 -5.50 -36.16 -13.25
N ARG E 152 -4.41 -35.81 -13.94
CA ARG E 152 -3.34 -36.77 -14.16
C ARG E 152 -2.66 -37.16 -12.85
N GLN E 153 -2.42 -36.21 -11.96
CA GLN E 153 -1.87 -36.55 -10.65
C GLN E 153 -2.84 -37.44 -9.87
N LYS E 154 -4.12 -37.13 -9.92
CA LYS E 154 -5.11 -37.96 -9.24
C LYS E 154 -5.07 -39.40 -9.75
N GLU E 155 -5.04 -39.58 -11.07
CA GLU E 155 -5.00 -40.94 -11.62
C GLU E 155 -3.84 -41.72 -11.02
N LYS E 156 -2.65 -41.10 -10.95
CA LYS E 156 -1.50 -41.75 -10.35
C LYS E 156 -1.72 -42.04 -8.86
N ARG E 157 -2.45 -41.15 -8.16
CA ARG E 157 -2.68 -41.35 -6.73
C ARG E 157 -3.54 -42.57 -6.44
N ILE E 158 -4.55 -42.84 -7.26
CA ILE E 158 -5.51 -43.91 -6.96
C ILE E 158 -5.27 -45.17 -7.79
N ASN E 159 -4.31 -45.16 -8.71
CA ASN E 159 -3.94 -46.34 -9.51
C ASN E 159 -2.43 -46.56 -9.41
N CYS E 160 -1.94 -46.86 -8.21
CA CYS E 160 -0.50 -47.04 -8.01
C CYS E 160 -0.03 -48.36 -8.61
N LYS F 7 -14.20 -45.79 -0.39
CA LYS F 7 -13.21 -46.29 0.57
C LYS F 7 -11.83 -45.71 0.32
N VAL F 8 -11.58 -45.24 -0.91
CA VAL F 8 -10.30 -44.66 -1.28
C VAL F 8 -10.36 -43.16 -1.11
N TYR F 9 -9.34 -42.59 -0.48
CA TYR F 9 -9.21 -41.16 -0.35
C TYR F 9 -8.89 -40.52 -1.70
N GLN F 10 -9.76 -39.61 -2.16
CA GLN F 10 -9.67 -39.12 -3.52
C GLN F 10 -8.69 -37.96 -3.67
N GLY F 11 -8.50 -37.15 -2.63
CA GLY F 11 -7.84 -35.88 -2.75
C GLY F 11 -6.44 -35.83 -2.16
N VAL F 12 -5.91 -34.62 -2.15
CA VAL F 12 -4.57 -34.34 -1.65
C VAL F 12 -4.64 -34.07 -0.16
N ARG F 13 -3.60 -34.50 0.56
CA ARG F 13 -3.48 -34.20 1.98
C ARG F 13 -2.09 -33.68 2.29
N VAL F 14 -2.00 -32.95 3.41
CA VAL F 14 -0.70 -32.49 3.97
C VAL F 14 0.11 -33.76 4.25
N LYS F 15 1.36 -33.80 3.84
CA LYS F 15 2.21 -35.01 3.96
C LYS F 15 2.32 -35.44 5.43
N ILE F 16 2.73 -34.54 6.32
CA ILE F 16 2.89 -34.85 7.76
C ILE F 16 2.58 -33.58 8.53
N THR F 17 1.57 -33.62 9.40
CA THR F 17 1.14 -32.42 10.10
C THR F 17 1.97 -32.26 11.38
N VAL F 18 1.93 -31.04 11.92
CA VAL F 18 2.59 -30.75 13.20
C VAL F 18 1.97 -31.60 14.32
N LYS F 19 0.65 -31.81 14.27
CA LYS F 19 0.01 -32.78 15.16
C LYS F 19 0.72 -34.13 15.13
N GLU F 20 0.88 -34.69 13.93
CA GLU F 20 1.50 -36.02 13.80
C GLU F 20 2.96 -36.01 14.26
N LEU F 21 3.71 -34.96 13.92
CA LEU F 21 5.13 -34.83 14.32
C LEU F 21 5.26 -34.80 15.85
N LEU F 22 4.31 -34.17 16.56
CA LEU F 22 4.34 -34.06 18.05
C LEU F 22 4.04 -35.43 18.65
N GLN F 23 3.08 -36.15 18.10
CA GLN F 23 2.71 -37.49 18.59
C GLN F 23 3.91 -38.41 18.39
N GLN F 24 4.67 -38.21 17.32
CA GLN F 24 5.85 -39.07 17.03
C GLN F 24 6.97 -38.72 18.00
N ARG F 25 7.22 -37.43 18.23
CA ARG F 25 8.29 -37.01 19.13
C ARG F 25 8.04 -37.51 20.55
N ARG F 26 6.79 -37.42 21.02
CA ARG F 26 6.44 -37.85 22.37
C ARG F 26 6.34 -39.37 22.51
N ALA F 27 6.07 -40.09 21.43
CA ALA F 27 6.15 -41.55 21.50
C ALA F 27 7.59 -42.00 21.66
N HIS F 28 8.53 -41.25 21.08
CA HIS F 28 9.95 -41.58 21.17
C HIS F 28 10.54 -41.19 22.51
N GLN F 29 10.14 -40.05 23.06
CA GLN F 29 10.57 -39.68 24.40
C GLN F 29 9.99 -40.65 25.43
N ALA F 30 8.69 -40.93 25.32
CA ALA F 30 8.05 -41.81 26.28
C ALA F 30 8.64 -43.22 26.27
N ALA F 31 9.19 -43.65 25.13
CA ALA F 31 9.86 -44.94 25.05
C ALA F 31 11.35 -44.87 25.34
N SER F 32 11.95 -43.69 25.33
CA SER F 32 13.34 -43.54 25.73
C SER F 32 13.52 -43.97 27.18
N GLY F 33 12.95 -43.20 28.11
CA GLY F 33 13.05 -43.50 29.52
C GLY F 33 14.38 -43.09 30.11
N GLY F 34 14.97 -43.97 30.92
CA GLY F 34 16.25 -43.68 31.55
C GLY F 34 17.44 -43.92 30.64
N GLU I 3 -9.43 33.78 -14.38
CA GLU I 3 -8.61 33.36 -15.51
C GLU I 3 -9.45 33.05 -16.75
N PRO I 4 -10.47 33.86 -17.02
CA PRO I 4 -11.42 33.52 -18.08
C PRO I 4 -10.75 33.39 -19.44
N SER I 5 -11.13 32.35 -20.16
CA SER I 5 -10.72 32.13 -21.53
C SER I 5 -11.81 32.70 -22.44
N ASP I 6 -11.40 33.52 -23.40
CA ASP I 6 -12.32 34.08 -24.39
C ASP I 6 -12.27 33.23 -25.66
N LEU I 7 -13.18 33.53 -26.59
CA LEU I 7 -13.26 32.77 -27.82
C LEU I 7 -11.95 32.83 -28.61
N GLU I 8 -11.35 34.01 -28.71
CA GLU I 8 -10.12 34.17 -29.47
C GLU I 8 -8.99 33.37 -28.84
N GLU I 9 -8.89 33.42 -27.52
CA GLU I 9 -7.92 32.60 -26.81
C GLU I 9 -8.12 31.11 -27.10
N LEU I 10 -9.37 30.68 -27.25
CA LEU I 10 -9.63 29.26 -27.51
C LEU I 10 -9.20 28.90 -28.93
N GLU I 11 -9.56 29.75 -29.90
CA GLU I 11 -9.12 29.55 -31.27
C GLU I 11 -7.60 29.43 -31.34
N LYS I 12 -6.88 30.31 -30.64
CA LYS I 12 -5.42 30.31 -30.75
C LYS I 12 -4.83 29.06 -30.11
N PHE I 13 -5.40 28.61 -28.98
CA PHE I 13 -4.87 27.41 -28.36
C PHE I 13 -5.08 26.19 -29.25
N ALA I 14 -6.22 26.13 -29.92
CA ALA I 14 -6.56 24.94 -30.70
C ALA I 14 -5.65 24.83 -31.93
N LYS I 15 -5.33 25.96 -32.55
CA LYS I 15 -4.37 25.99 -33.64
C LYS I 15 -2.98 25.58 -33.18
N THR I 16 -2.50 26.20 -32.09
CA THR I 16 -1.19 25.83 -31.55
C THR I 16 -1.17 24.37 -31.11
N PHE I 17 -2.23 23.91 -30.43
CA PHE I 17 -2.29 22.52 -30.00
C PHE I 17 -2.13 21.58 -31.18
N LYS I 18 -2.84 21.86 -32.28
CA LYS I 18 -2.79 20.97 -33.44
C LYS I 18 -1.36 20.85 -34.00
N GLN I 19 -0.70 21.99 -34.25
CA GLN I 19 0.67 21.99 -34.74
C GLN I 19 1.60 21.19 -33.82
N ARG I 20 1.52 21.41 -32.51
CA ARG I 20 2.47 20.77 -31.61
C ARG I 20 2.17 19.28 -31.41
N ARG I 21 0.89 18.89 -31.45
CA ARG I 21 0.58 17.47 -31.49
C ARG I 21 1.23 16.80 -32.69
N ILE I 22 1.08 17.38 -33.88
CA ILE I 22 1.64 16.75 -35.08
C ILE I 22 3.15 16.64 -34.96
N LYS I 23 3.81 17.74 -34.56
CA LYS I 23 5.27 17.72 -34.48
C LYS I 23 5.75 16.65 -33.52
N LEU I 24 4.88 16.14 -32.65
CA LEU I 24 5.23 15.07 -31.74
C LEU I 24 5.00 13.71 -32.34
N GLY I 25 4.36 13.65 -33.51
CA GLY I 25 4.04 12.39 -34.14
C GLY I 25 2.74 11.76 -33.68
N PHE I 26 1.92 12.48 -32.92
CA PHE I 26 0.67 11.93 -32.40
C PHE I 26 -0.48 12.18 -33.35
N THR I 27 -1.22 11.13 -33.67
CA THR I 27 -2.51 11.32 -34.31
C THR I 27 -3.51 11.86 -33.30
N GLN I 28 -4.63 12.38 -33.80
CA GLN I 28 -5.74 12.69 -32.92
C GLN I 28 -6.09 11.50 -32.03
N GLY I 29 -6.21 10.31 -32.63
CA GLY I 29 -6.56 9.14 -31.83
C GLY I 29 -5.50 8.75 -30.82
N ASP I 30 -4.22 8.92 -31.18
CA ASP I 30 -3.12 8.71 -30.25
C ASP I 30 -3.29 9.55 -28.98
N VAL I 31 -3.72 10.80 -29.13
CA VAL I 31 -3.85 11.68 -27.97
C VAL I 31 -4.95 11.17 -27.04
N GLY I 32 -6.13 10.89 -27.58
CA GLY I 32 -7.21 10.37 -26.76
C GLY I 32 -6.82 9.11 -26.01
N LEU I 33 -6.05 8.25 -26.65
CA LEU I 33 -5.56 7.01 -26.01
C LEU I 33 -4.64 7.38 -24.85
N ALA I 34 -3.74 8.34 -25.04
CA ALA I 34 -2.74 8.73 -24.03
C ALA I 34 -3.44 9.38 -22.84
N MET I 35 -4.46 10.18 -23.07
CA MET I 35 -5.21 10.85 -21.99
C MET I 35 -5.93 9.77 -21.17
N GLY I 36 -6.20 8.63 -21.78
CA GLY I 36 -6.84 7.49 -21.10
C GLY I 36 -5.84 6.72 -20.28
N LYS I 37 -4.85 6.11 -20.90
CA LYS I 37 -3.90 5.28 -20.16
C LYS I 37 -3.22 6.05 -19.03
N LEU I 38 -2.99 7.35 -19.23
CA LEU I 38 -2.21 8.13 -18.26
C LEU I 38 -3.08 8.67 -17.13
N TYR I 39 -4.11 9.46 -17.45
CA TYR I 39 -4.93 10.11 -16.43
C TYR I 39 -6.28 9.41 -16.19
N GLY I 40 -6.50 8.26 -16.82
CA GLY I 40 -7.71 7.50 -16.54
C GLY I 40 -8.99 8.17 -16.97
N ASN I 41 -8.93 9.06 -17.97
CA ASN I 41 -10.12 9.64 -18.59
C ASN I 41 -9.80 9.77 -20.08
N ASP I 42 -10.09 8.71 -20.83
CA ASP I 42 -9.76 8.72 -22.24
C ASP I 42 -10.79 9.54 -23.02
N PHE I 43 -10.40 9.94 -24.24
CA PHE I 43 -11.29 10.57 -25.18
C PHE I 43 -11.11 9.97 -26.57
N SER I 44 -12.05 10.25 -27.45
CA SER I 44 -12.03 9.68 -28.78
C SER I 44 -11.34 10.59 -29.77
N GLN I 45 -10.85 9.98 -30.85
CA GLN I 45 -10.39 10.73 -32.01
C GLN I 45 -11.43 11.77 -32.43
N THR I 46 -12.69 11.37 -32.48
CA THR I 46 -13.77 12.30 -32.80
C THR I 46 -13.73 13.54 -31.90
N THR I 47 -13.54 13.35 -30.60
CA THR I 47 -13.53 14.49 -29.67
C THR I 47 -12.32 15.38 -29.89
N ILE I 48 -11.15 14.80 -30.14
CA ILE I 48 -9.97 15.61 -30.43
C ILE I 48 -10.20 16.44 -31.70
N SER I 49 -10.81 15.84 -32.72
CA SER I 49 -11.05 16.57 -33.95
C SER I 49 -12.00 17.74 -33.71
N ARG I 50 -13.09 17.50 -32.98
CA ARG I 50 -14.01 18.60 -32.70
C ARG I 50 -13.31 19.74 -31.96
N PHE I 51 -12.44 19.40 -31.01
CA PHE I 51 -11.73 20.42 -30.26
C PHE I 51 -10.84 21.26 -31.18
N GLU I 52 -10.03 20.60 -32.00
CA GLU I 52 -9.12 21.35 -32.86
C GLU I 52 -9.87 22.18 -33.88
N ALA I 53 -11.12 21.86 -34.18
CA ALA I 53 -11.89 22.63 -35.15
C ALA I 53 -12.88 23.59 -34.49
N LEU I 54 -12.87 23.70 -33.16
CA LEU I 54 -13.82 24.53 -32.43
C LEU I 54 -15.27 24.07 -32.64
N ASN I 55 -15.47 22.78 -32.92
CA ASN I 55 -16.81 22.22 -33.11
C ASN I 55 -17.41 21.72 -31.80
N LEU I 56 -17.19 22.46 -30.71
CA LEU I 56 -17.76 22.14 -29.41
C LEU I 56 -18.29 23.41 -28.78
N SER I 57 -19.00 23.25 -27.67
CA SER I 57 -19.54 24.41 -26.98
C SER I 57 -18.43 25.16 -26.25
N PHE I 58 -18.77 26.37 -25.83
CA PHE I 58 -17.87 27.17 -25.00
C PHE I 58 -17.46 26.42 -23.74
N LYS I 59 -18.45 25.91 -22.98
CA LYS I 59 -18.14 25.22 -21.73
C LYS I 59 -17.32 23.96 -21.97
N ASN I 60 -17.61 23.24 -23.05
CA ASN I 60 -16.90 22.00 -23.36
C ASN I 60 -15.44 22.30 -23.75
N MET I 61 -15.22 23.33 -24.57
CA MET I 61 -13.85 23.75 -24.91
C MET I 61 -13.06 24.13 -23.65
N CYS I 62 -13.66 24.98 -22.81
CA CYS I 62 -12.99 25.39 -21.57
C CYS I 62 -12.66 24.20 -20.67
N LYS I 63 -13.56 23.22 -20.59
CA LYS I 63 -13.27 22.06 -19.74
C LYS I 63 -12.17 21.18 -20.33
N LEU I 64 -12.16 20.99 -21.66
CA LEU I 64 -11.14 20.13 -22.26
C LEU I 64 -9.78 20.81 -22.36
N LYS I 65 -9.74 22.12 -22.55
CA LYS I 65 -8.47 22.81 -22.77
C LYS I 65 -7.41 22.46 -21.72
N PRO I 66 -7.68 22.62 -20.41
CA PRO I 66 -6.64 22.28 -19.42
C PRO I 66 -6.17 20.85 -19.51
N LEU I 67 -7.10 19.93 -19.76
CA LEU I 67 -6.74 18.53 -19.90
C LEU I 67 -5.85 18.31 -21.12
N LEU I 68 -6.18 18.94 -22.25
CA LEU I 68 -5.38 18.76 -23.44
C LEU I 68 -4.01 19.38 -23.26
N GLU I 69 -3.95 20.51 -22.56
CA GLU I 69 -2.68 21.19 -22.31
C GLU I 69 -1.78 20.37 -21.40
N LYS I 70 -2.39 19.53 -20.55
CA LYS I 70 -1.61 18.69 -19.64
C LYS I 70 -1.00 17.51 -20.38
N TRP I 71 -1.79 16.82 -21.21
CA TRP I 71 -1.18 15.84 -22.10
C TRP I 71 -0.02 16.47 -22.89
N LEU I 72 -0.20 17.68 -23.40
CA LEU I 72 0.79 18.24 -24.31
C LEU I 72 2.09 18.60 -23.61
N ASN I 73 2.00 19.11 -22.39
CA ASN I 73 3.18 19.47 -21.62
C ASN I 73 3.93 18.22 -21.15
N ASP I 74 3.19 17.17 -20.80
CA ASP I 74 3.83 15.92 -20.41
C ASP I 74 4.49 15.25 -21.61
N ALA I 75 3.83 15.28 -22.77
CA ALA I 75 4.43 14.67 -23.97
C ALA I 75 5.65 15.46 -24.45
N GLU I 76 5.63 16.78 -24.33
CA GLU I 76 6.78 17.57 -24.76
C GLU I 76 7.96 17.43 -23.79
N SER I 77 7.68 17.19 -22.51
CA SER I 77 8.74 17.13 -21.53
C SER I 77 9.38 15.75 -21.38
N SER I 78 8.97 14.75 -22.17
CA SER I 78 9.72 13.50 -22.20
C SER I 78 9.32 12.66 -23.41
N PRO I 79 10.17 12.57 -24.45
CA PRO I 79 9.88 11.87 -25.71
C PRO I 79 9.04 10.59 -25.56
N ARG I 99 -12.36 5.60 -12.81
CA ARG I 99 -13.00 6.89 -13.05
C ARG I 99 -13.50 6.97 -14.48
N LYS I 100 -13.64 5.81 -15.12
CA LYS I 100 -13.85 5.76 -16.56
C LYS I 100 -15.31 5.96 -16.92
N ARG I 101 -15.55 6.69 -18.00
CA ARG I 101 -16.86 6.75 -18.64
C ARG I 101 -17.23 5.37 -19.20
N LYS I 102 -18.53 5.09 -19.25
CA LYS I 102 -18.99 3.86 -19.87
C LYS I 102 -18.77 3.89 -21.38
N LYS I 103 -18.30 2.76 -21.91
CA LYS I 103 -18.12 2.60 -23.34
C LYS I 103 -19.44 2.75 -24.09
N ARG I 104 -19.37 3.39 -25.26
CA ARG I 104 -20.56 3.48 -26.10
C ARG I 104 -20.92 2.08 -26.58
N THR I 105 -22.14 1.64 -26.28
CA THR I 105 -22.59 0.32 -26.73
C THR I 105 -22.90 0.36 -28.22
N SER I 106 -22.40 -0.65 -28.94
CA SER I 106 -22.75 -0.84 -30.35
C SER I 106 -23.94 -1.78 -30.42
N ILE I 107 -24.99 -1.33 -31.11
CA ILE I 107 -26.27 -2.03 -31.21
C ILE I 107 -26.40 -2.51 -32.66
N GLU I 108 -26.40 -3.83 -32.85
CA GLU I 108 -26.44 -4.38 -34.20
C GLU I 108 -27.70 -3.94 -34.92
N THR I 109 -27.59 -3.80 -36.25
CA THR I 109 -28.66 -3.20 -37.03
C THR I 109 -29.99 -3.91 -36.81
N ASN I 110 -29.99 -5.25 -36.85
CA ASN I 110 -31.24 -5.98 -36.66
C ASN I 110 -31.81 -5.75 -35.27
N ILE I 111 -30.96 -5.67 -34.24
CA ILE I 111 -31.44 -5.41 -32.90
C ILE I 111 -32.08 -4.03 -32.83
N ARG I 112 -31.46 -3.04 -33.47
CA ARG I 112 -32.06 -1.71 -33.54
C ARG I 112 -33.46 -1.78 -34.12
N LEU I 113 -33.64 -2.53 -35.20
CA LEU I 113 -34.94 -2.61 -35.84
C LEU I 113 -35.98 -3.20 -34.90
N THR I 114 -35.57 -4.16 -34.07
CA THR I 114 -36.51 -4.75 -33.10
C THR I 114 -36.91 -3.73 -32.04
N LEU I 115 -35.95 -2.96 -31.52
CA LEU I 115 -36.28 -1.93 -30.54
C LEU I 115 -37.24 -0.90 -31.12
N GLU I 116 -37.01 -0.50 -32.39
CA GLU I 116 -37.90 0.44 -33.06
C GLU I 116 -39.31 -0.13 -33.18
N LYS I 117 -39.41 -1.41 -33.56
CA LYS I 117 -40.71 -2.07 -33.57
C LYS I 117 -41.37 -1.99 -32.21
N ARG I 118 -40.62 -2.30 -31.14
CA ARG I 118 -41.18 -2.20 -29.79
C ARG I 118 -41.61 -0.76 -29.50
N PHE I 119 -40.77 0.22 -29.88
CA PHE I 119 -41.10 1.62 -29.63
C PHE I 119 -42.38 2.02 -30.34
N GLN I 120 -42.60 1.50 -31.54
CA GLN I 120 -43.79 1.82 -32.30
C GLN I 120 -45.02 1.21 -31.65
N ASP I 121 -44.83 0.10 -30.94
CA ASP I 121 -45.94 -0.54 -30.24
C ASP I 121 -46.23 0.20 -28.93
N ASN I 122 -45.20 0.54 -28.19
CA ASN I 122 -45.33 1.27 -26.94
C ASN I 122 -44.06 2.12 -26.72
N PRO I 123 -44.13 3.44 -26.87
CA PRO I 123 -42.90 4.24 -26.79
C PRO I 123 -42.37 4.44 -25.38
N LYS I 124 -43.07 3.94 -24.36
CA LYS I 124 -42.65 4.08 -22.96
C LYS I 124 -42.88 2.76 -22.24
N PRO I 125 -42.07 1.75 -22.52
CA PRO I 125 -42.19 0.47 -21.80
C PRO I 125 -41.81 0.63 -20.32
N SER I 126 -42.43 -0.17 -19.47
CA SER I 126 -42.17 -0.16 -18.03
C SER I 126 -40.83 -0.79 -17.69
N SER I 127 -40.43 -0.60 -16.43
CA SER I 127 -39.20 -1.21 -15.93
C SER I 127 -39.21 -2.72 -16.13
N GLU I 128 -40.36 -3.39 -15.89
CA GLU I 128 -40.42 -4.84 -16.11
C GLU I 128 -40.31 -5.17 -17.60
N GLU I 129 -41.04 -4.44 -18.46
CA GLU I 129 -40.88 -4.66 -19.90
C GLU I 129 -39.44 -4.44 -20.33
N ILE I 130 -38.81 -3.39 -19.80
CA ILE I 130 -37.43 -3.09 -20.20
C ILE I 130 -36.52 -4.24 -19.81
N SER I 131 -36.75 -4.86 -18.64
CA SER I 131 -35.91 -5.97 -18.23
C SER I 131 -36.15 -7.17 -19.12
N MET I 132 -37.39 -7.38 -19.59
CA MET I 132 -37.66 -8.47 -20.52
C MET I 132 -36.95 -8.24 -21.84
N ILE I 133 -37.07 -7.04 -22.39
CA ILE I 133 -36.39 -6.70 -23.65
C ILE I 133 -34.89 -6.94 -23.50
N ALA I 134 -34.32 -6.55 -22.37
CA ALA I 134 -32.89 -6.73 -22.14
C ALA I 134 -32.48 -8.19 -22.21
N GLU I 135 -33.27 -9.10 -21.61
CA GLU I 135 -32.90 -10.50 -21.64
C GLU I 135 -33.01 -11.10 -23.03
N GLN I 136 -34.11 -10.80 -23.74
CA GLN I 136 -34.27 -11.36 -25.08
C GLN I 136 -33.26 -10.79 -26.07
N LEU I 137 -32.75 -9.59 -25.84
CA LEU I 137 -31.80 -8.98 -26.76
C LEU I 137 -30.38 -9.07 -26.24
N SER I 138 -30.15 -9.72 -25.10
CA SER I 138 -28.82 -9.84 -24.51
C SER I 138 -28.14 -8.48 -24.41
N MET I 139 -28.89 -7.52 -23.87
CA MET I 139 -28.40 -6.19 -23.58
C MET I 139 -28.55 -5.91 -22.08
N GLU I 140 -27.83 -4.90 -21.60
CA GLU I 140 -27.99 -4.45 -20.23
C GLU I 140 -29.28 -3.65 -20.06
N LYS I 141 -29.92 -3.83 -18.90
CA LYS I 141 -31.14 -3.10 -18.63
C LYS I 141 -30.95 -1.60 -18.77
N GLU I 142 -29.86 -1.06 -18.19
CA GLU I 142 -29.62 0.37 -18.27
C GLU I 142 -29.50 0.84 -19.71
N VAL I 143 -28.87 0.05 -20.57
CA VAL I 143 -28.75 0.42 -21.98
C VAL I 143 -30.13 0.48 -22.63
N VAL I 144 -30.98 -0.51 -22.36
CA VAL I 144 -32.32 -0.49 -22.94
C VAL I 144 -33.14 0.66 -22.37
N ARG I 145 -33.09 0.88 -21.05
CA ARG I 145 -33.78 2.03 -20.48
C ARG I 145 -33.43 3.31 -21.23
N VAL I 146 -32.12 3.52 -21.45
CA VAL I 146 -31.66 4.78 -22.05
C VAL I 146 -32.02 4.89 -23.52
N TRP I 147 -32.02 3.76 -24.24
CA TRP I 147 -32.44 3.77 -25.65
C TRP I 147 -33.85 4.34 -25.79
N PHE I 148 -34.79 3.95 -24.91
CA PHE I 148 -36.14 4.48 -25.01
C PHE I 148 -36.20 5.95 -24.58
N CYS I 149 -35.47 6.31 -23.52
CA CYS I 149 -35.35 7.75 -23.23
C CYS I 149 -34.87 8.51 -24.47
N ASN I 150 -33.79 8.04 -25.09
CA ASN I 150 -33.22 8.77 -26.22
C ASN I 150 -34.15 8.78 -27.42
N ARG I 151 -34.91 7.69 -27.62
CA ARG I 151 -35.81 7.59 -28.77
C ARG I 151 -37.02 8.49 -28.60
N ARG I 152 -37.50 8.67 -27.36
CA ARG I 152 -38.58 9.62 -27.12
C ARG I 152 -38.09 11.05 -27.38
N GLN I 153 -36.87 11.36 -26.97
CA GLN I 153 -36.38 12.71 -27.24
C GLN I 153 -36.25 12.96 -28.73
N LYS I 154 -35.80 11.94 -29.48
CA LYS I 154 -35.71 12.09 -30.93
C LYS I 154 -37.08 12.34 -31.54
N GLU I 155 -38.08 11.53 -31.16
CA GLU I 155 -39.42 11.71 -31.69
C GLU I 155 -39.91 13.13 -31.45
N LYS I 156 -39.67 13.66 -30.26
CA LYS I 156 -40.04 15.04 -29.96
C LYS I 156 -39.19 16.04 -30.73
N ARG I 157 -37.93 15.69 -31.03
CA ARG I 157 -37.02 16.59 -31.74
C ARG I 157 -37.45 16.81 -33.18
N ILE I 158 -37.82 15.74 -33.88
CA ILE I 158 -38.02 15.82 -35.33
C ILE I 158 -39.47 16.01 -35.72
N ASN I 159 -40.40 15.99 -34.77
CA ASN I 159 -41.83 16.13 -35.04
C ASN I 159 -42.34 17.29 -34.18
N CYS I 160 -42.50 18.45 -34.80
CA CYS I 160 -42.88 19.65 -34.05
C CYS I 160 -43.47 20.72 -34.97
N LYS J 7 -34.79 15.75 -45.27
CA LYS J 7 -33.35 15.99 -45.00
C LYS J 7 -33.22 16.69 -43.65
N VAL J 8 -34.00 16.29 -42.66
CA VAL J 8 -33.88 16.83 -41.31
C VAL J 8 -32.71 16.13 -40.64
N TYR J 9 -31.93 16.90 -39.88
CA TYR J 9 -30.85 16.33 -39.09
C TYR J 9 -31.46 15.43 -38.01
N GLN J 10 -31.04 14.16 -38.00
CA GLN J 10 -31.68 13.13 -37.19
C GLN J 10 -31.23 13.15 -35.73
N GLY J 11 -30.00 13.58 -35.47
CA GLY J 11 -29.36 13.42 -34.19
C GLY J 11 -29.22 14.72 -33.43
N VAL J 12 -28.51 14.62 -32.32
CA VAL J 12 -28.30 15.76 -31.45
C VAL J 12 -27.13 16.58 -31.98
N ARG J 13 -27.21 17.87 -31.75
CA ARG J 13 -26.18 18.81 -32.17
C ARG J 13 -25.77 19.68 -30.98
N VAL J 14 -24.50 20.09 -31.00
CA VAL J 14 -24.07 21.17 -30.13
C VAL J 14 -24.92 22.38 -30.42
N LYS J 15 -25.43 23.01 -29.36
CA LYS J 15 -26.39 24.09 -29.58
C LYS J 15 -25.74 25.22 -30.36
N ILE J 16 -24.54 25.64 -29.96
CA ILE J 16 -23.78 26.62 -30.71
C ILE J 16 -22.29 26.39 -30.43
N THR J 17 -21.51 26.24 -31.48
CA THR J 17 -20.11 25.90 -31.31
C THR J 17 -19.30 27.19 -31.20
N VAL J 18 -18.08 27.05 -30.67
CA VAL J 18 -17.19 28.20 -30.60
C VAL J 18 -16.88 28.71 -32.00
N LYS J 19 -16.71 27.80 -32.95
CA LYS J 19 -16.58 28.15 -34.36
C LYS J 19 -17.69 29.10 -34.79
N GLU J 20 -18.93 28.70 -34.54
CA GLU J 20 -20.10 29.47 -34.96
C GLU J 20 -20.12 30.84 -34.27
N LEU J 21 -19.80 30.88 -32.96
CA LEU J 21 -19.79 32.14 -32.23
C LEU J 21 -18.77 33.10 -32.80
N LEU J 22 -17.61 32.58 -33.23
CA LEU J 22 -16.59 33.46 -33.82
C LEU J 22 -17.05 33.99 -35.17
N GLN J 23 -17.64 33.13 -36.00
CA GLN J 23 -18.15 33.63 -37.28
C GLN J 23 -19.17 34.73 -37.07
N GLN J 24 -20.05 34.57 -36.08
CA GLN J 24 -21.05 35.61 -35.84
C GLN J 24 -20.42 36.86 -35.25
N ARG J 25 -19.41 36.69 -34.39
CA ARG J 25 -18.75 37.86 -33.84
C ARG J 25 -18.03 38.65 -34.92
N ARG J 26 -17.32 37.98 -35.81
CA ARG J 26 -16.60 38.68 -36.86
C ARG J 26 -17.51 39.15 -37.99
N ALA J 27 -18.65 38.51 -38.20
CA ALA J 27 -19.61 39.04 -39.15
C ALA J 27 -20.22 40.34 -38.64
N HIS J 28 -20.39 40.44 -37.33
CA HIS J 28 -20.99 41.64 -36.74
C HIS J 28 -19.94 42.74 -36.57
N GLN J 29 -18.68 42.39 -36.30
CA GLN J 29 -17.63 43.39 -36.26
C GLN J 29 -17.51 44.10 -37.61
N ALA J 30 -17.52 43.33 -38.69
CA ALA J 30 -17.42 43.92 -40.02
C ALA J 30 -18.61 44.84 -40.31
N ALA J 31 -19.74 44.60 -39.66
CA ALA J 31 -20.91 45.46 -39.79
C ALA J 31 -21.58 45.26 -41.15
N SER M 5 38.08 -24.50 22.67
CA SER M 5 39.41 -24.81 23.18
C SER M 5 40.13 -23.51 23.55
N ASP M 6 41.39 -23.38 23.17
CA ASP M 6 42.12 -22.14 23.44
C ASP M 6 41.72 -21.07 22.44
N LEU M 7 42.37 -19.91 22.56
CA LEU M 7 42.11 -18.82 21.62
C LEU M 7 42.55 -19.19 20.20
N GLU M 8 43.70 -19.86 20.06
CA GLU M 8 44.22 -20.11 18.72
C GLU M 8 43.30 -21.01 17.93
N GLU M 9 42.73 -22.04 18.58
CA GLU M 9 41.84 -22.93 17.85
C GLU M 9 40.58 -22.19 17.39
N LEU M 10 40.12 -21.21 18.17
CA LEU M 10 39.01 -20.39 17.71
C LEU M 10 39.44 -19.52 16.54
N GLU M 11 40.67 -19.01 16.58
CA GLU M 11 41.19 -18.28 15.43
C GLU M 11 41.33 -19.21 14.23
N LYS M 12 41.91 -20.39 14.46
CA LYS M 12 42.09 -21.34 13.36
C LYS M 12 40.77 -21.68 12.69
N PHE M 13 39.79 -22.15 13.47
CA PHE M 13 38.51 -22.52 12.88
C PHE M 13 37.85 -21.31 12.20
N ALA M 14 37.91 -20.14 12.82
CA ALA M 14 37.28 -18.96 12.22
C ALA M 14 37.80 -18.74 10.82
N LYS M 15 39.11 -18.93 10.60
CA LYS M 15 39.71 -18.72 9.28
C LYS M 15 39.28 -19.81 8.30
N THR M 16 39.29 -21.08 8.71
CA THR M 16 38.87 -22.12 7.79
C THR M 16 37.41 -21.91 7.41
N PHE M 17 36.58 -21.53 8.39
CA PHE M 17 35.17 -21.28 8.12
C PHE M 17 35.00 -20.21 7.06
N LYS M 18 35.69 -19.08 7.22
CA LYS M 18 35.60 -18.01 6.24
C LYS M 18 36.01 -18.50 4.85
N GLN M 19 37.17 -19.15 4.75
CA GLN M 19 37.64 -19.63 3.45
C GLN M 19 36.64 -20.60 2.83
N ARG M 20 36.15 -21.54 3.63
CA ARG M 20 35.23 -22.54 3.12
C ARG M 20 33.93 -21.89 2.68
N ARG M 21 33.42 -20.95 3.47
CA ARG M 21 32.20 -20.23 3.13
C ARG M 21 32.32 -19.59 1.75
N ILE M 22 33.41 -18.86 1.53
CA ILE M 22 33.61 -18.15 0.27
C ILE M 22 33.75 -19.14 -0.87
N LYS M 23 34.54 -20.20 -0.66
CA LYS M 23 34.71 -21.23 -1.68
C LYS M 23 33.35 -21.80 -2.10
N LEU M 24 32.44 -22.01 -1.14
CA LEU M 24 31.15 -22.60 -1.44
C LEU M 24 30.16 -21.60 -2.04
N GLY M 25 30.53 -20.32 -2.14
CA GLY M 25 29.67 -19.34 -2.76
C GLY M 25 28.72 -18.63 -1.83
N PHE M 26 28.89 -18.78 -0.51
CA PHE M 26 27.98 -18.18 0.47
C PHE M 26 28.52 -16.84 0.93
N THR M 27 27.69 -15.82 0.87
CA THR M 27 27.94 -14.61 1.63
C THR M 27 27.74 -14.89 3.12
N GLN M 28 28.14 -13.93 3.95
CA GLN M 28 27.80 -14.02 5.36
C GLN M 28 26.30 -14.16 5.58
N GLY M 29 25.49 -13.40 4.83
CA GLY M 29 24.05 -13.49 5.00
C GLY M 29 23.46 -14.80 4.49
N ASP M 30 24.07 -15.39 3.45
CA ASP M 30 23.59 -16.68 2.96
C ASP M 30 23.68 -17.75 4.05
N VAL M 31 24.77 -17.75 4.82
CA VAL M 31 24.93 -18.76 5.87
C VAL M 31 23.73 -18.78 6.80
N GLY M 32 23.20 -17.60 7.16
CA GLY M 32 22.09 -17.56 8.12
C GLY M 32 20.83 -18.22 7.60
N LEU M 33 20.45 -17.90 6.36
CA LEU M 33 19.28 -18.52 5.77
C LEU M 33 19.45 -20.03 5.70
N ALA M 34 20.67 -20.50 5.40
CA ALA M 34 20.88 -21.93 5.27
C ALA M 34 20.75 -22.63 6.62
N MET M 35 21.15 -21.97 7.71
CA MET M 35 21.04 -22.59 9.02
C MET M 35 19.60 -22.65 9.50
N GLY M 36 18.79 -21.64 9.14
CA GLY M 36 17.38 -21.73 9.42
C GLY M 36 16.77 -23.02 8.91
N LYS M 37 16.97 -23.30 7.62
CA LYS M 37 16.30 -24.45 7.01
C LYS M 37 16.75 -25.76 7.63
N LEU M 38 18.01 -25.87 8.03
CA LEU M 38 18.54 -27.13 8.53
C LEU M 38 18.36 -27.31 10.04
N TYR M 39 18.44 -26.23 10.82
CA TYR M 39 18.41 -26.36 12.28
C TYR M 39 17.34 -25.49 12.92
N GLY M 40 16.51 -24.81 12.12
CA GLY M 40 15.52 -23.91 12.67
C GLY M 40 16.19 -22.65 13.20
N ASN M 41 17.08 -22.83 14.17
CA ASN M 41 17.84 -21.71 14.71
C ASN M 41 18.81 -21.21 13.64
N ASP M 42 18.69 -19.94 13.28
CA ASP M 42 19.55 -19.29 12.30
C ASP M 42 20.41 -18.23 12.99
N PHE M 43 21.19 -17.53 12.19
CA PHE M 43 22.03 -16.45 12.68
C PHE M 43 22.15 -15.41 11.60
N SER M 44 22.11 -14.15 12.00
CA SER M 44 22.16 -13.07 11.02
C SER M 44 23.56 -12.92 10.41
N GLN M 45 23.61 -12.15 9.34
CA GLN M 45 24.89 -11.72 8.77
C GLN M 45 25.77 -11.08 9.84
N THR M 46 25.19 -10.18 10.63
CA THR M 46 25.95 -9.52 11.69
C THR M 46 26.69 -10.52 12.58
N THR M 47 26.00 -11.58 13.00
CA THR M 47 26.63 -12.56 13.88
C THR M 47 27.72 -13.34 13.16
N ILE M 48 27.51 -13.67 11.88
CA ILE M 48 28.55 -14.36 11.14
C ILE M 48 29.78 -13.44 11.04
N SER M 49 29.55 -12.16 10.75
CA SER M 49 30.65 -11.19 10.67
C SER M 49 31.43 -11.13 11.98
N ARG M 50 30.70 -11.03 13.10
CA ARG M 50 31.39 -10.96 14.39
C ARG M 50 32.19 -12.23 14.64
N PHE M 51 31.60 -13.39 14.34
CA PHE M 51 32.28 -14.64 14.63
C PHE M 51 33.56 -14.77 13.79
N GLU M 52 33.51 -14.37 12.53
CA GLU M 52 34.67 -14.48 11.66
C GLU M 52 35.79 -13.51 12.08
N ALA M 53 35.46 -12.42 12.76
CA ALA M 53 36.46 -11.46 13.24
C ALA M 53 36.84 -11.66 14.69
N LEU M 54 36.31 -12.68 15.36
CA LEU M 54 36.61 -12.94 16.78
C LEU M 54 36.09 -11.83 17.67
N ASN M 55 35.15 -11.03 17.14
CA ASN M 55 34.51 -9.91 17.82
C ASN M 55 33.34 -10.35 18.69
N LEU M 56 33.50 -11.45 19.42
CA LEU M 56 32.52 -11.89 20.42
C LEU M 56 33.28 -12.33 21.66
N SER M 57 32.55 -12.50 22.76
CA SER M 57 33.17 -13.03 23.96
C SER M 57 33.67 -14.44 23.71
N PHE M 58 34.52 -14.91 24.62
CA PHE M 58 35.07 -16.25 24.51
C PHE M 58 33.98 -17.31 24.66
N LYS M 59 33.09 -17.13 25.64
CA LYS M 59 31.98 -18.06 25.83
C LYS M 59 31.04 -18.08 24.63
N ASN M 60 30.73 -16.91 24.08
CA ASN M 60 29.85 -16.85 22.91
C ASN M 60 30.49 -17.54 21.71
N MET M 61 31.76 -17.24 21.44
CA MET M 61 32.49 -17.94 20.37
C MET M 61 32.42 -19.46 20.56
N CYS M 62 32.69 -19.93 21.77
CA CYS M 62 32.66 -21.36 22.03
C CYS M 62 31.26 -21.92 21.80
N LYS M 63 30.22 -21.15 22.14
CA LYS M 63 28.87 -21.68 21.94
C LYS M 63 28.54 -21.83 20.47
N LEU M 64 29.03 -20.91 19.61
CA LEU M 64 28.66 -20.93 18.19
C LEU M 64 29.48 -21.92 17.38
N LYS M 65 30.75 -22.13 17.71
CA LYS M 65 31.64 -22.95 16.89
C LYS M 65 31.06 -24.31 16.50
N PRO M 66 30.59 -25.14 17.42
CA PRO M 66 30.04 -26.45 16.99
C PRO M 66 28.82 -26.32 16.11
N LEU M 67 28.04 -25.24 16.25
CA LEU M 67 26.90 -25.05 15.37
C LEU M 67 27.34 -24.67 13.97
N LEU M 68 28.31 -23.76 13.87
CA LEU M 68 28.84 -23.38 12.57
C LEU M 68 29.62 -24.53 11.96
N GLU M 69 30.30 -25.30 12.79
CA GLU M 69 31.06 -26.46 12.33
C GLU M 69 30.10 -27.52 11.78
N LYS M 70 29.07 -27.84 12.56
CA LYS M 70 28.04 -28.76 12.09
C LYS M 70 27.49 -28.35 10.74
N TRP M 71 27.26 -27.05 10.53
CA TRP M 71 26.65 -26.61 9.28
C TRP M 71 27.63 -26.66 8.12
N LEU M 72 28.83 -26.11 8.31
CA LEU M 72 29.83 -26.12 7.24
C LEU M 72 30.00 -27.51 6.66
N ASN M 73 30.07 -28.52 7.52
CA ASN M 73 30.22 -29.88 7.01
C ASN M 73 29.02 -30.30 6.17
N ASP M 74 27.81 -29.82 6.50
CA ASP M 74 26.65 -30.18 5.70
C ASP M 74 26.64 -29.45 4.37
N ALA M 75 26.88 -28.13 4.39
CA ALA M 75 27.00 -27.40 3.13
C ALA M 75 28.06 -28.03 2.23
N GLU M 76 29.17 -28.47 2.83
CA GLU M 76 30.20 -29.13 2.04
C GLU M 76 29.64 -30.37 1.36
N SER M 77 28.81 -31.11 2.08
CA SER M 77 28.28 -32.40 1.64
C SER M 77 26.95 -32.29 0.91
N SER M 78 26.41 -31.09 0.72
CA SER M 78 25.05 -31.00 0.19
C SER M 78 25.04 -30.97 -1.33
N PRO M 79 24.00 -31.56 -1.96
CA PRO M 79 23.83 -31.40 -3.41
C PRO M 79 23.35 -30.01 -3.80
N SER M 80 24.21 -29.00 -3.70
CA SER M 80 23.79 -27.64 -3.97
C SER M 80 23.77 -27.34 -5.48
N GLU M 95 14.80 -30.77 7.70
CA GLU M 95 14.56 -29.53 8.42
C GLU M 95 14.32 -29.80 9.91
N VAL M 96 15.32 -29.49 10.73
CA VAL M 96 15.17 -29.63 12.17
C VAL M 96 14.12 -28.64 12.67
N PHE M 97 13.35 -29.09 13.66
CA PHE M 97 12.35 -28.29 14.35
C PHE M 97 12.95 -27.63 15.58
N GLY M 98 14.20 -27.19 15.45
CA GLY M 98 14.90 -26.57 16.60
C GLY M 98 14.22 -25.32 17.11
N ARG M 99 14.53 -24.97 18.37
CA ARG M 99 13.93 -23.74 18.97
C ARG M 99 14.51 -22.52 18.24
N LYS M 100 13.68 -21.52 17.99
CA LYS M 100 14.10 -20.33 17.24
C LYS M 100 13.97 -19.11 18.14
N ARG M 101 14.94 -18.21 18.08
CA ARG M 101 14.88 -16.95 18.83
C ARG M 101 13.78 -16.09 18.20
N LYS M 102 13.19 -15.21 18.99
CA LYS M 102 12.19 -14.27 18.51
C LYS M 102 12.80 -13.24 17.58
N LYS M 103 12.15 -12.97 16.46
CA LYS M 103 12.65 -11.94 15.56
C LYS M 103 12.59 -10.58 16.25
N ARG M 104 13.65 -9.80 16.07
CA ARG M 104 13.77 -8.47 16.63
C ARG M 104 12.67 -7.56 16.10
N THR M 105 11.90 -6.97 17.00
CA THR M 105 10.84 -6.06 16.57
C THR M 105 11.45 -4.76 16.09
N SER M 106 10.98 -4.28 14.94
CA SER M 106 11.39 -2.99 14.45
C SER M 106 10.44 -1.94 15.03
N ILE M 107 11.00 -0.94 15.67
CA ILE M 107 10.22 0.12 16.29
C ILE M 107 10.46 1.37 15.46
N GLU M 108 9.42 1.78 14.73
CA GLU M 108 9.50 2.97 13.89
C GLU M 108 9.64 4.22 14.76
N THR M 109 10.26 5.26 14.18
CA THR M 109 10.60 6.46 14.95
C THR M 109 9.39 7.07 15.66
N ASN M 110 8.24 7.15 14.99
CA ASN M 110 7.05 7.70 15.64
C ASN M 110 6.68 6.89 16.88
N ILE M 111 6.79 5.57 16.79
CA ILE M 111 6.50 4.75 17.95
C ILE M 111 7.52 5.01 19.05
N ARG M 112 8.82 5.09 18.68
CA ARG M 112 9.85 5.41 19.66
C ARG M 112 9.56 6.72 20.37
N LEU M 113 9.17 7.75 19.61
CA LEU M 113 8.92 9.06 20.22
C LEU M 113 7.77 9.00 21.22
N THR M 114 6.72 8.22 20.92
CA THR M 114 5.62 8.10 21.88
C THR M 114 6.06 7.32 23.11
N LEU M 115 6.81 6.22 22.92
CA LEU M 115 7.31 5.48 24.06
C LEU M 115 8.19 6.34 24.93
N GLU M 116 9.07 7.14 24.30
CA GLU M 116 9.95 8.03 25.06
C GLU M 116 9.14 9.05 25.85
N LYS M 117 8.09 9.62 25.24
CA LYS M 117 7.20 10.52 25.95
C LYS M 117 6.65 9.87 27.22
N ARG M 118 6.15 8.64 27.10
CA ARG M 118 5.66 7.93 28.27
C ARG M 118 6.77 7.72 29.30
N PHE M 119 7.98 7.35 28.83
CA PHE M 119 9.09 7.09 29.73
C PHE M 119 9.48 8.33 30.53
N GLN M 120 9.44 9.50 29.89
CA GLN M 120 9.84 10.72 30.60
C GLN M 120 8.82 11.10 31.67
N ASP M 121 7.55 10.76 31.45
CA ASP M 121 6.52 11.02 32.45
C ASP M 121 6.52 9.96 33.54
N ASN M 122 6.66 8.68 33.17
CA ASN M 122 6.67 7.59 34.12
C ASN M 122 7.61 6.50 33.62
N PRO M 123 8.80 6.37 34.23
CA PRO M 123 9.78 5.42 33.70
C PRO M 123 9.54 3.97 34.13
N LYS M 124 8.55 3.72 35.00
CA LYS M 124 8.27 2.37 35.50
C LYS M 124 6.75 2.14 35.48
N PRO M 125 6.17 1.98 34.30
CA PRO M 125 4.75 1.67 34.23
C PRO M 125 4.44 0.28 34.78
N SER M 126 3.24 0.15 35.35
CA SER M 126 2.81 -1.14 35.82
C SER M 126 2.47 -2.04 34.63
N SER M 127 2.26 -3.33 34.93
CA SER M 127 1.85 -4.27 33.89
C SER M 127 0.57 -3.81 33.23
N GLU M 128 -0.35 -3.25 34.03
CA GLU M 128 -1.60 -2.72 33.48
C GLU M 128 -1.33 -1.52 32.58
N GLU M 129 -0.48 -0.60 33.04
CA GLU M 129 -0.05 0.51 32.18
C GLU M 129 0.66 -0.01 30.92
N ILE M 130 1.51 -1.02 31.06
CA ILE M 130 2.22 -1.53 29.89
C ILE M 130 1.22 -2.08 28.88
N SER M 131 0.18 -2.77 29.35
CA SER M 131 -0.82 -3.37 28.46
C SER M 131 -1.64 -2.30 27.73
N MET M 132 -1.95 -1.19 28.40
CA MET M 132 -2.62 -0.09 27.71
C MET M 132 -1.73 0.55 26.64
N ILE M 133 -0.46 0.82 26.98
CA ILE M 133 0.45 1.40 26.00
C ILE M 133 0.53 0.53 24.75
N ALA M 134 0.68 -0.78 24.95
CA ALA M 134 0.76 -1.72 23.82
C ALA M 134 -0.48 -1.63 22.95
N GLU M 135 -1.66 -1.56 23.59
CA GLU M 135 -2.91 -1.49 22.84
C GLU M 135 -3.02 -0.17 22.09
N GLN M 136 -2.58 0.92 22.71
CA GLN M 136 -2.62 2.22 22.04
C GLN M 136 -1.75 2.23 20.80
N LEU M 137 -0.66 1.46 20.81
CA LEU M 137 0.31 1.43 19.72
C LEU M 137 0.24 0.17 18.85
N SER M 138 -0.76 -0.69 19.05
CA SER M 138 -0.89 -1.94 18.29
C SER M 138 0.40 -2.76 18.31
N MET M 139 0.98 -2.91 19.49
CA MET M 139 2.20 -3.70 19.68
C MET M 139 1.95 -4.83 20.68
N GLU M 140 2.90 -5.77 20.72
CA GLU M 140 2.85 -6.82 21.73
C GLU M 140 3.13 -6.24 23.10
N LYS M 141 2.38 -6.71 24.09
CA LYS M 141 2.59 -6.26 25.47
C LYS M 141 4.02 -6.53 25.91
N GLU M 142 4.52 -7.75 25.64
CA GLU M 142 5.85 -8.14 26.08
C GLU M 142 6.92 -7.25 25.46
N VAL M 143 6.72 -6.85 24.19
CA VAL M 143 7.67 -5.95 23.55
C VAL M 143 7.71 -4.61 24.27
N VAL M 144 6.55 -4.09 24.63
CA VAL M 144 6.55 -2.82 25.35
C VAL M 144 7.19 -2.99 26.72
N ARG M 145 6.85 -4.06 27.44
CA ARG M 145 7.49 -4.33 28.73
C ARG M 145 9.00 -4.27 28.63
N VAL M 146 9.54 -4.98 27.63
CA VAL M 146 10.98 -5.10 27.51
C VAL M 146 11.58 -3.78 27.06
N TRP M 147 10.83 -3.02 26.25
CA TRP M 147 11.32 -1.71 25.83
C TRP M 147 11.60 -0.84 27.06
N PHE M 148 10.70 -0.85 28.06
CA PHE M 148 10.95 -0.06 29.26
C PHE M 148 12.09 -0.64 30.10
N CYS M 149 12.16 -1.96 30.26
CA CYS M 149 13.35 -2.53 30.90
C CYS M 149 14.62 -2.04 30.23
N ASN M 150 14.70 -2.17 28.90
CA ASN M 150 15.92 -1.76 28.21
C ASN M 150 16.15 -0.27 28.29
N ARG M 151 15.08 0.53 28.30
CA ARG M 151 15.22 1.97 28.36
C ARG M 151 15.69 2.40 29.75
N ARG M 152 15.28 1.70 30.79
CA ARG M 152 15.77 2.01 32.13
C ARG M 152 17.26 1.70 32.24
N GLN M 153 17.70 0.59 31.62
CA GLN M 153 19.13 0.26 31.65
C GLN M 153 19.92 1.30 30.87
N LYS M 154 19.37 1.76 29.75
CA LYS M 154 20.06 2.80 28.99
C LYS M 154 20.24 4.04 29.84
N GLU M 155 19.20 4.42 30.58
CA GLU M 155 19.32 5.59 31.46
C GLU M 155 20.48 5.44 32.42
N LYS M 156 20.65 4.26 33.02
CA LYS M 156 21.79 4.08 33.93
C LYS M 156 23.12 4.08 33.18
N ARG M 157 23.16 3.60 31.94
CA ARG M 157 24.43 3.59 31.20
C ARG M 157 24.89 5.01 30.89
N ILE M 158 23.97 5.88 30.48
CA ILE M 158 24.35 7.18 29.95
C ILE M 158 24.25 8.28 30.98
N ASN M 159 23.72 8.02 32.17
CA ASN M 159 23.61 9.03 33.22
C ASN M 159 24.20 8.48 34.51
N CYS M 160 25.44 8.89 34.80
CA CYS M 160 26.16 8.39 35.97
C CYS M 160 27.33 9.30 36.32
N LYS N 5 28.75 18.42 22.83
CA LYS N 5 28.78 17.50 23.97
C LYS N 5 29.40 16.17 23.54
N PRO N 6 29.97 15.42 24.49
CA PRO N 6 30.85 14.30 24.13
C PRO N 6 30.13 13.22 23.34
N LYS N 7 30.92 12.26 22.85
CA LYS N 7 30.38 11.08 22.19
C LYS N 7 30.03 10.05 23.23
N VAL N 8 28.74 9.89 23.46
CA VAL N 8 28.25 8.90 24.40
C VAL N 8 27.93 7.64 23.61
N TYR N 9 28.47 6.51 24.05
CA TYR N 9 28.07 5.23 23.50
C TYR N 9 26.66 4.92 24.02
N GLN N 10 25.69 4.77 23.12
CA GLN N 10 24.30 4.68 23.55
C GLN N 10 23.90 3.29 23.98
N GLY N 11 24.51 2.27 23.38
CA GLY N 11 24.06 0.91 23.46
C GLY N 11 25.02 0.00 24.22
N VAL N 12 24.72 -1.29 24.14
CA VAL N 12 25.47 -2.36 24.80
C VAL N 12 26.63 -2.80 23.92
N ARG N 13 27.75 -3.11 24.56
CA ARG N 13 28.90 -3.64 23.82
C ARG N 13 29.43 -4.87 24.54
N VAL N 14 30.01 -5.77 23.76
CA VAL N 14 30.85 -6.84 24.30
C VAL N 14 32.12 -6.19 24.86
N LYS N 15 32.41 -6.47 26.14
CA LYS N 15 33.50 -5.79 26.85
C LYS N 15 34.88 -6.28 26.39
N ILE N 16 35.05 -7.59 26.28
CA ILE N 16 36.34 -8.19 25.97
C ILE N 16 36.10 -9.30 24.95
N THR N 17 36.69 -9.16 23.78
CA THR N 17 36.50 -10.12 22.70
C THR N 17 37.66 -11.10 22.64
N VAL N 18 37.42 -12.19 21.92
CA VAL N 18 38.51 -13.14 21.64
C VAL N 18 39.61 -12.44 20.85
N LYS N 19 39.25 -11.57 19.91
CA LYS N 19 40.26 -10.81 19.20
C LYS N 19 41.18 -10.10 20.18
N GLU N 20 40.59 -9.37 21.15
CA GLU N 20 41.36 -8.59 22.09
C GLU N 20 42.21 -9.48 23.01
N LEU N 21 41.63 -10.58 23.49
CA LEU N 21 42.38 -11.49 24.35
C LEU N 21 43.59 -12.08 23.60
N LEU N 22 43.43 -12.37 22.32
CA LEU N 22 44.52 -12.96 21.56
C LEU N 22 45.66 -11.98 21.36
N GLN N 23 45.34 -10.73 21.02
CA GLN N 23 46.38 -9.70 20.97
C GLN N 23 47.08 -9.56 22.30
N GLN N 24 46.34 -9.72 23.40
CA GLN N 24 46.93 -9.59 24.72
C GLN N 24 47.83 -10.77 25.05
N ARG N 25 47.42 -11.97 24.65
CA ARG N 25 48.27 -13.15 24.89
C ARG N 25 49.57 -13.04 24.10
N ARG N 26 49.49 -12.56 22.87
CA ARG N 26 50.66 -12.39 22.01
C ARG N 26 51.51 -11.19 22.41
N ALA N 27 50.94 -10.22 23.12
CA ALA N 27 51.76 -9.17 23.69
C ALA N 27 52.63 -9.71 24.81
N HIS N 28 52.14 -10.71 25.54
CA HIS N 28 52.93 -11.29 26.63
C HIS N 28 53.97 -12.27 26.09
N GLN N 29 53.66 -12.96 24.99
CA GLN N 29 54.67 -13.79 24.34
C GLN N 29 55.87 -12.95 23.93
N ALA N 30 55.61 -11.81 23.29
CA ALA N 30 56.70 -10.93 22.87
C ALA N 30 57.48 -10.42 24.08
N ALA N 31 56.84 -10.35 25.25
CA ALA N 31 57.56 -10.00 26.46
C ALA N 31 58.49 -11.13 26.88
N SER N 32 58.07 -12.38 26.67
CA SER N 32 58.88 -13.54 27.00
C SER N 32 59.81 -13.90 25.85
#